data_3UCF
#
_entry.id   3UCF
#
_cell.length_a   59.360
_cell.length_b   122.890
_cell.length_c   63.140
_cell.angle_alpha   90.00
_cell.angle_beta   111.09
_cell.angle_gamma   90.00
#
_symmetry.space_group_name_H-M   'P 1 21 1'
#
loop_
_entity.id
_entity.type
_entity.pdbx_description
1 polymer Dehydrogenase
2 water water
#
_entity_poly.entity_id   1
_entity_poly.type   'polypeptide(L)'
_entity_poly.pdbx_seq_one_letter_code
;MMGSDKTVYVVLGGTSGIGAELAKQLESEHTIVHVASRQTGLDISDEKSVYHYFETIGAFDHLIVTAGSYAPAGKVVDVE
VTQAKYAFDTKFWGAVLAAKHGARYLKQGGSITLTSGMLSRKVVANTYVKAAINAAIEATTKVLAKELAPIRVNAISPGL
TKTEAYKGMNADDRDAMYQRTQSHLPVGKVGEASDIAMAYLFAIQNSYMTGTVIDVDGGALLG
;
_entity_poly.pdbx_strand_id   A,B,C,D
#
# COMPACT_ATOMS: atom_id res chain seq x y z
N ASP A 5 -27.28 17.63 25.18
CA ASP A 5 -27.88 16.30 25.22
C ASP A 5 -27.89 15.65 23.84
N LYS A 6 -28.11 16.45 22.81
CA LYS A 6 -28.14 15.95 21.44
C LYS A 6 -26.73 15.78 20.90
N THR A 7 -26.59 15.03 19.81
CA THR A 7 -25.32 14.87 19.14
C THR A 7 -25.21 15.91 18.03
N VAL A 8 -24.06 16.59 17.97
CA VAL A 8 -23.89 17.70 17.04
C VAL A 8 -22.93 17.35 15.92
N TYR A 9 -23.36 17.61 14.68
CA TYR A 9 -22.55 17.32 13.50
C TYR A 9 -22.26 18.59 12.72
N VAL A 10 -21.04 18.70 12.20
CA VAL A 10 -20.68 19.75 11.27
C VAL A 10 -20.26 19.14 9.94
N VAL A 11 -20.93 19.54 8.86
CA VAL A 11 -20.61 19.05 7.54
C VAL A 11 -20.16 20.19 6.64
N LEU A 12 -18.85 20.33 6.49
CA LEU A 12 -18.30 21.35 5.61
C LEU A 12 -18.37 20.87 4.17
N GLY A 13 -19.13 21.59 3.34
CA GLY A 13 -19.46 21.15 2.01
C GLY A 13 -20.82 20.47 2.02
N GLY A 14 -21.63 20.80 3.03
CA GLY A 14 -22.88 20.11 3.27
C GLY A 14 -24.13 20.68 2.60
N THR A 15 -23.96 21.67 1.72
CA THR A 15 -25.14 22.27 1.08
C THR A 15 -25.47 21.64 -0.27
N SER A 16 -24.66 20.70 -0.72
CA SER A 16 -24.93 20.01 -1.99
C SER A 16 -24.11 18.73 -2.13
N GLY A 17 -24.49 17.91 -3.09
CA GLY A 17 -23.79 16.66 -3.35
C GLY A 17 -23.81 15.71 -2.18
N ILE A 18 -22.67 15.07 -1.92
CA ILE A 18 -22.57 14.08 -0.86
C ILE A 18 -22.89 14.70 0.49
N GLY A 19 -22.37 15.90 0.74
CA GLY A 19 -22.58 16.60 1.99
C GLY A 19 -24.05 16.80 2.29
N ALA A 20 -24.79 17.29 1.30
CA ALA A 20 -26.22 17.54 1.47
C ALA A 20 -26.96 16.24 1.76
N GLU A 21 -26.61 15.17 1.03
CA GLU A 21 -27.23 13.87 1.22
C GLU A 21 -26.97 13.37 2.63
N LEU A 22 -25.73 13.48 3.08
CA LEU A 22 -25.36 13.04 4.43
C LEU A 22 -26.12 13.82 5.49
N ALA A 23 -26.18 15.13 5.30
CA ALA A 23 -26.86 16.02 6.25
C ALA A 23 -28.32 15.62 6.38
N LYS A 24 -28.91 15.19 5.28
CA LYS A 24 -30.30 14.73 5.27
C LYS A 24 -30.45 13.48 6.13
N GLN A 25 -29.51 12.55 6.00
CA GLN A 25 -29.57 11.28 6.73
C GLN A 25 -29.23 11.44 8.21
N LEU A 26 -28.51 12.50 8.55
CA LEU A 26 -28.10 12.72 9.93
C LEU A 26 -29.17 13.46 10.73
N GLU A 27 -30.02 14.22 10.03
CA GLU A 27 -31.09 14.97 10.67
C GLU A 27 -32.03 14.05 11.43
N SER A 28 -32.40 14.46 12.64
CA SER A 28 -33.34 13.70 13.46
C SER A 28 -33.63 14.47 14.75
N GLU A 29 -34.55 13.95 15.55
CA GLU A 29 -34.96 14.62 16.77
C GLU A 29 -33.84 14.71 17.80
N HIS A 30 -32.89 13.78 17.72
CA HIS A 30 -31.82 13.73 18.72
C HIS A 30 -30.46 14.17 18.18
N THR A 31 -30.48 14.90 17.07
CA THR A 31 -29.24 15.43 16.51
C THR A 31 -29.37 16.90 16.13
N ILE A 32 -28.22 17.57 16.02
CA ILE A 32 -28.16 18.89 15.42
C ILE A 32 -27.13 18.84 14.30
N VAL A 33 -27.50 19.36 13.12
CA VAL A 33 -26.65 19.25 11.96
C VAL A 33 -26.37 20.61 11.33
N HIS A 34 -25.13 21.08 11.51
CA HIS A 34 -24.70 22.33 10.87
C HIS A 34 -24.05 22.03 9.53
N VAL A 35 -24.49 22.74 8.49
CA VAL A 35 -23.86 22.63 7.19
C VAL A 35 -23.27 23.97 6.80
N ALA A 36 -22.11 23.94 6.13
CA ALA A 36 -21.47 25.17 5.70
C ALA A 36 -20.65 24.97 4.44
N SER A 37 -20.45 26.05 3.71
CA SER A 37 -19.68 26.02 2.46
C SER A 37 -19.65 27.42 1.87
N ARG A 38 -19.17 27.53 0.64
CA ARG A 38 -19.17 28.80 -0.07
C ARG A 38 -20.57 29.40 -0.09
N GLN A 39 -21.53 28.56 -0.43
CA GLN A 39 -22.93 28.97 -0.55
C GLN A 39 -23.43 29.69 0.71
N THR A 40 -22.92 29.29 1.87
CA THR A 40 -23.34 29.90 3.13
C THR A 40 -22.33 30.94 3.61
N GLY A 41 -21.30 31.19 2.80
CA GLY A 41 -20.35 32.25 3.08
C GLY A 41 -19.07 31.76 3.75
N LEU A 42 -18.95 30.46 3.97
CA LEU A 42 -17.73 29.91 4.53
C LEU A 42 -16.73 29.61 3.42
N ASP A 43 -15.53 30.16 3.56
CA ASP A 43 -14.43 29.91 2.63
C ASP A 43 -13.41 29.01 3.31
N ILE A 44 -13.54 27.70 3.09
CA ILE A 44 -12.76 26.71 3.82
C ILE A 44 -11.25 26.83 3.57
N SER A 45 -10.88 27.51 2.49
CA SER A 45 -9.46 27.68 2.15
C SER A 45 -8.84 28.88 2.86
N ASP A 46 -9.67 29.61 3.61
CA ASP A 46 -9.24 30.82 4.30
C ASP A 46 -9.24 30.59 5.81
N GLU A 47 -8.06 30.64 6.41
CA GLU A 47 -7.88 30.26 7.80
C GLU A 47 -8.75 31.07 8.77
N LYS A 48 -8.71 32.39 8.65
CA LYS A 48 -9.49 33.25 9.53
C LYS A 48 -10.97 32.90 9.46
N SER A 49 -11.43 32.61 8.25
CA SER A 49 -12.83 32.28 8.02
C SER A 49 -13.23 30.96 8.66
N VAL A 50 -12.33 29.98 8.61
CA VAL A 50 -12.59 28.67 9.22
C VAL A 50 -12.54 28.78 10.74
N TYR A 51 -11.54 29.50 11.24
CA TYR A 51 -11.40 29.70 12.68
C TYR A 51 -12.67 30.31 13.27
N HIS A 52 -13.11 31.42 12.68
CA HIS A 52 -14.29 32.13 13.16
C HIS A 52 -15.53 31.25 13.07
N TYR A 53 -15.62 30.42 12.04
CA TYR A 53 -16.79 29.57 11.86
C TYR A 53 -17.00 28.63 13.05
N PHE A 54 -15.93 27.99 13.47
CA PHE A 54 -16.00 27.04 14.59
C PHE A 54 -16.27 27.76 15.91
N GLU A 55 -15.93 29.04 15.98
CA GLU A 55 -16.28 29.85 17.13
C GLU A 55 -17.80 29.94 17.24
N THR A 56 -18.47 30.07 16.10
CA THR A 56 -19.92 30.20 16.09
C THR A 56 -20.60 28.86 16.40
N ILE A 57 -19.90 27.76 16.12
CA ILE A 57 -20.46 26.44 16.35
C ILE A 57 -20.32 26.00 17.80
N GLY A 58 -19.12 26.16 18.35
CA GLY A 58 -18.84 25.70 19.70
C GLY A 58 -18.53 24.21 19.71
N ALA A 59 -18.66 23.60 20.90
CA ALA A 59 -18.39 22.18 21.06
C ALA A 59 -19.31 21.33 20.18
N PHE A 60 -18.77 20.26 19.62
CA PHE A 60 -19.57 19.31 18.86
C PHE A 60 -18.91 17.94 18.79
N ASP A 61 -19.56 16.99 18.14
CA ASP A 61 -19.17 15.59 18.22
C ASP A 61 -18.48 15.06 16.97
N HIS A 62 -18.99 15.40 15.79
CA HIS A 62 -18.45 14.84 14.55
C HIS A 62 -18.31 15.87 13.44
N LEU A 63 -17.06 16.03 12.98
CA LEU A 63 -16.76 16.89 11.84
C LEU A 63 -16.62 16.05 10.58
N ILE A 64 -17.29 16.46 9.52
CA ILE A 64 -17.17 15.79 8.23
C ILE A 64 -16.84 16.81 7.15
N VAL A 65 -15.77 16.55 6.40
CA VAL A 65 -15.34 17.46 5.35
C VAL A 65 -15.48 16.79 3.97
N THR A 66 -16.41 17.30 3.18
CA THR A 66 -16.64 16.78 1.83
C THR A 66 -16.37 17.84 0.78
N ALA A 67 -15.86 18.99 1.22
CA ALA A 67 -15.62 20.11 0.31
C ALA A 67 -14.88 19.66 -0.94
N TYR A 70 -13.35 21.17 -7.04
CA TYR A 70 -12.86 21.28 -8.41
C TYR A 70 -11.33 21.20 -8.47
N ALA A 71 -10.84 20.75 -9.61
CA ALA A 71 -9.40 20.72 -9.88
C ALA A 71 -9.17 20.73 -11.39
N PRO A 72 -8.14 21.47 -11.85
CA PRO A 72 -7.90 21.55 -13.29
C PRO A 72 -7.39 20.23 -13.87
N ALA A 73 -8.12 19.68 -14.84
CA ALA A 73 -7.71 18.45 -15.49
C ALA A 73 -6.69 18.77 -16.57
N GLY A 74 -5.86 17.79 -16.92
CA GLY A 74 -4.84 17.98 -17.95
C GLY A 74 -3.54 17.33 -17.57
N LYS A 75 -2.64 17.21 -18.55
CA LYS A 75 -1.33 16.63 -18.32
C LYS A 75 -0.47 17.56 -17.48
N VAL A 76 0.48 17.00 -16.74
CA VAL A 76 1.35 17.78 -15.87
C VAL A 76 2.03 18.89 -16.65
N VAL A 77 2.39 18.62 -17.90
CA VAL A 77 3.10 19.59 -18.72
C VAL A 77 2.19 20.73 -19.20
N ASP A 78 0.88 20.48 -19.21
CA ASP A 78 -0.08 21.44 -19.74
C ASP A 78 -0.76 22.27 -18.66
N VAL A 79 -1.12 21.65 -17.55
CA VAL A 79 -1.90 22.32 -16.51
C VAL A 79 -1.15 23.52 -15.93
N GLU A 80 -1.88 24.62 -15.74
CA GLU A 80 -1.34 25.82 -15.12
C GLU A 80 -1.17 25.59 -13.62
N VAL A 81 0.04 25.79 -13.12
CA VAL A 81 0.38 25.45 -11.74
C VAL A 81 -0.38 26.29 -10.71
N THR A 82 -0.64 27.56 -11.01
CA THR A 82 -1.39 28.41 -10.09
C THR A 82 -2.81 27.88 -9.92
N GLN A 83 -3.35 27.29 -10.98
CA GLN A 83 -4.66 26.66 -10.91
C GLN A 83 -4.58 25.42 -10.03
N ALA A 84 -3.50 24.65 -10.20
CA ALA A 84 -3.29 23.44 -9.43
C ALA A 84 -3.16 23.77 -7.96
N LYS A 85 -2.48 24.88 -7.67
CA LYS A 85 -2.31 25.35 -6.30
C LYS A 85 -3.64 25.79 -5.70
N TYR A 86 -4.51 26.37 -6.53
CA TYR A 86 -5.82 26.83 -6.07
C TYR A 86 -6.71 25.66 -5.66
N ALA A 87 -6.65 24.57 -6.42
CA ALA A 87 -7.41 23.38 -6.10
C ALA A 87 -6.90 22.79 -4.78
N PHE A 88 -5.58 22.80 -4.62
CA PHE A 88 -4.95 22.31 -3.39
C PHE A 88 -5.43 23.14 -2.20
N ASP A 89 -5.48 24.46 -2.39
CA ASP A 89 -5.92 25.36 -1.33
C ASP A 89 -7.27 24.93 -0.75
N THR A 90 -8.21 24.62 -1.64
CA THR A 90 -9.59 24.35 -1.23
C THR A 90 -9.79 22.96 -0.63
N LYS A 91 -9.31 21.92 -1.31
CA LYS A 91 -9.58 20.56 -0.87
C LYS A 91 -8.58 20.01 0.16
N PHE A 92 -7.28 20.16 -0.10
CA PHE A 92 -6.31 19.62 0.86
C PHE A 92 -6.13 20.54 2.07
N TRP A 93 -5.71 21.77 1.82
CA TRP A 93 -5.46 22.71 2.91
C TRP A 93 -6.76 23.09 3.61
N GLY A 94 -7.87 23.01 2.88
CA GLY A 94 -9.17 23.24 3.48
C GLY A 94 -9.44 22.23 4.55
N ALA A 95 -9.10 20.97 4.27
CA ALA A 95 -9.27 19.89 5.23
C ALA A 95 -8.32 20.07 6.41
N VAL A 96 -7.09 20.45 6.12
CA VAL A 96 -6.09 20.67 7.16
C VAL A 96 -6.55 21.77 8.11
N LEU A 97 -7.11 22.84 7.56
CA LEU A 97 -7.58 23.96 8.35
C LEU A 97 -8.78 23.57 9.20
N ALA A 98 -9.64 22.72 8.65
CA ALA A 98 -10.83 22.27 9.36
C ALA A 98 -10.46 21.39 10.55
N ALA A 99 -9.51 20.48 10.33
CA ALA A 99 -9.02 19.63 11.39
C ALA A 99 -8.24 20.45 12.42
N LYS A 100 -7.47 21.41 11.92
CA LYS A 100 -6.59 22.20 12.79
C LYS A 100 -7.38 23.08 13.77
N HIS A 101 -8.51 23.62 13.33
CA HIS A 101 -9.26 24.58 14.13
C HIS A 101 -10.53 23.99 14.73
N GLY A 102 -10.90 22.79 14.29
CA GLY A 102 -12.10 22.14 14.77
C GLY A 102 -11.84 21.11 15.86
N ALA A 103 -10.60 20.66 15.97
CA ALA A 103 -10.26 19.56 16.86
C ALA A 103 -10.56 19.87 18.33
N ARG A 104 -10.15 21.05 18.79
CA ARG A 104 -10.32 21.40 20.20
C ARG A 104 -11.79 21.45 20.63
N TYR A 105 -12.69 21.52 19.66
CA TYR A 105 -14.12 21.62 19.96
C TYR A 105 -14.78 20.23 20.10
N LEU A 106 -14.10 19.19 19.65
CA LEU A 106 -14.70 17.86 19.59
C LEU A 106 -14.88 17.23 20.96
N LYS A 107 -16.09 16.75 21.23
CA LYS A 107 -16.40 16.08 22.49
C LYS A 107 -15.80 14.68 22.53
N GLN A 108 -15.76 14.09 23.73
CA GLN A 108 -15.29 12.73 23.90
C GLN A 108 -16.07 11.77 23.01
N GLY A 109 -15.35 10.85 22.36
CA GLY A 109 -15.98 9.88 21.49
C GLY A 109 -16.29 10.44 20.11
N GLY A 110 -15.83 11.66 19.86
CA GLY A 110 -16.08 12.32 18.58
C GLY A 110 -15.12 11.85 17.50
N SER A 111 -15.31 12.33 16.28
CA SER A 111 -14.49 11.89 15.16
C SER A 111 -14.37 12.95 14.07
N ILE A 112 -13.37 12.78 13.21
CA ILE A 112 -13.23 13.57 12.00
C ILE A 112 -13.21 12.64 10.80
N THR A 113 -14.01 12.95 9.78
CA THR A 113 -14.04 12.14 8.58
C THR A 113 -13.79 13.02 7.36
N LEU A 114 -12.68 12.75 6.67
CA LEU A 114 -12.30 13.53 5.51
C LEU A 114 -12.66 12.80 4.23
N THR A 115 -12.49 13.48 3.10
CA THR A 115 -12.80 12.91 1.80
C THR A 115 -11.59 12.94 0.87
N SER A 116 -11.18 11.78 0.39
CA SER A 116 -10.14 11.70 -0.64
C SER A 116 -10.77 11.37 -1.98
N GLY A 117 -10.49 10.16 -2.49
CA GLY A 117 -11.01 9.73 -3.76
C GLY A 117 -10.12 8.66 -4.36
N MET A 118 -10.72 7.80 -5.19
CA MET A 118 -10.00 6.65 -5.73
C MET A 118 -8.75 7.05 -6.51
N LEU A 119 -8.72 8.27 -7.02
CA LEU A 119 -7.61 8.71 -7.87
C LEU A 119 -6.28 8.76 -7.13
N SER A 120 -6.32 8.74 -5.81
CA SER A 120 -5.10 8.69 -5.03
C SER A 120 -4.34 7.40 -5.34
N ARG A 121 -5.06 6.39 -5.81
CA ARG A 121 -4.46 5.07 -6.03
C ARG A 121 -4.77 4.45 -7.40
N LYS A 122 -5.76 4.96 -8.10
CA LYS A 122 -5.95 4.59 -9.50
C LYS A 122 -5.19 5.59 -10.38
N VAL A 123 -4.21 5.09 -11.12
CA VAL A 123 -3.35 5.95 -11.93
C VAL A 123 -4.03 6.26 -13.26
N VAL A 124 -4.40 7.52 -13.45
CA VAL A 124 -5.14 7.95 -14.63
C VAL A 124 -4.51 9.20 -15.22
N ALA A 125 -4.25 9.16 -16.53
CA ALA A 125 -3.71 10.31 -17.23
C ALA A 125 -4.60 11.53 -17.03
N ASN A 126 -3.99 12.71 -17.01
CA ASN A 126 -4.72 13.97 -16.92
C ASN A 126 -5.29 14.28 -15.53
N THR A 127 -4.92 13.50 -14.52
CA THR A 127 -5.53 13.64 -13.20
C THR A 127 -4.53 13.86 -12.06
N TYR A 128 -3.35 14.38 -12.37
CA TYR A 128 -2.28 14.47 -11.38
C TYR A 128 -2.63 15.36 -10.19
N VAL A 129 -3.42 16.40 -10.43
CA VAL A 129 -3.81 17.32 -9.35
C VAL A 129 -4.73 16.64 -8.34
N LYS A 130 -5.77 15.96 -8.83
CA LYS A 130 -6.67 15.24 -7.95
C LYS A 130 -5.94 14.10 -7.24
N ALA A 131 -5.12 13.38 -7.99
CA ALA A 131 -4.38 12.24 -7.45
C ALA A 131 -3.47 12.70 -6.30
N ALA A 132 -2.75 13.78 -6.52
CA ALA A 132 -1.82 14.30 -5.52
C ALA A 132 -2.57 14.80 -4.30
N ILE A 133 -3.74 15.40 -4.50
CA ILE A 133 -4.55 15.90 -3.39
C ILE A 133 -5.05 14.75 -2.53
N ASN A 134 -5.61 13.73 -3.16
CA ASN A 134 -6.22 12.62 -2.44
C ASN A 134 -5.18 11.75 -1.76
N ALA A 135 -3.98 11.69 -2.34
CA ALA A 135 -2.87 10.99 -1.70
C ALA A 135 -2.43 11.75 -0.46
N ALA A 136 -2.41 13.08 -0.57
CA ALA A 136 -2.03 13.93 0.55
C ALA A 136 -3.05 13.81 1.68
N ILE A 137 -4.33 13.79 1.32
CA ILE A 137 -5.40 13.66 2.30
C ILE A 137 -5.27 12.35 3.09
N GLU A 138 -5.12 11.24 2.36
CA GLU A 138 -5.09 9.92 2.97
C GLU A 138 -3.89 9.74 3.89
N ALA A 139 -2.78 10.40 3.56
CA ALA A 139 -1.58 10.35 4.41
C ALA A 139 -1.74 11.25 5.63
N THR A 140 -2.36 12.42 5.42
CA THR A 140 -2.60 13.35 6.51
C THR A 140 -3.65 12.78 7.45
N THR A 141 -4.61 12.05 6.90
CA THR A 141 -5.65 11.41 7.69
C THR A 141 -5.06 10.49 8.76
N LYS A 142 -4.05 9.71 8.37
CA LYS A 142 -3.48 8.71 9.25
C LYS A 142 -2.60 9.32 10.35
N VAL A 143 -1.90 10.40 10.01
CA VAL A 143 -1.11 11.13 11.00
C VAL A 143 -2.05 11.77 12.03
N LEU A 144 -3.14 12.35 11.54
CA LEU A 144 -4.14 12.97 12.41
C LEU A 144 -4.72 11.94 13.39
N ALA A 145 -5.10 10.78 12.86
CA ALA A 145 -5.68 9.72 13.67
C ALA A 145 -4.75 9.35 14.82
N LYS A 146 -3.45 9.48 14.58
CA LYS A 146 -2.44 9.13 15.56
C LYS A 146 -2.20 10.26 16.56
N GLU A 147 -2.21 11.49 16.07
CA GLU A 147 -1.99 12.66 16.92
C GLU A 147 -3.20 12.93 17.80
N LEU A 148 -4.40 12.72 17.26
CA LEU A 148 -5.62 13.15 17.92
C LEU A 148 -6.27 12.08 18.79
N ALA A 149 -5.80 10.84 18.70
CA ALA A 149 -6.34 9.77 19.52
C ALA A 149 -6.61 10.30 20.94
N PRO A 150 -7.75 9.93 21.53
CA PRO A 150 -8.73 8.96 21.03
C PRO A 150 -9.80 9.55 20.10
N ILE A 151 -9.63 10.78 19.62
CA ILE A 151 -10.50 11.27 18.55
C ILE A 151 -10.18 10.43 17.31
N ARG A 152 -11.22 9.83 16.73
CA ARG A 152 -11.02 8.97 15.57
C ARG A 152 -11.01 9.80 14.29
N VAL A 153 -10.13 9.43 13.37
CA VAL A 153 -9.99 10.14 12.11
C VAL A 153 -9.91 9.16 10.95
N ASN A 154 -10.86 9.26 10.02
CA ASN A 154 -10.90 8.38 8.87
C ASN A 154 -11.15 9.19 7.60
N ALA A 155 -11.01 8.53 6.46
CA ALA A 155 -11.31 9.17 5.18
C ALA A 155 -12.20 8.28 4.33
N ILE A 156 -13.16 8.90 3.64
CA ILE A 156 -13.99 8.20 2.68
C ILE A 156 -13.46 8.48 1.28
N SER A 157 -13.26 7.43 0.49
CA SER A 157 -12.71 7.56 -0.85
C SER A 157 -13.71 7.10 -1.90
N PRO A 158 -14.50 8.05 -2.43
CA PRO A 158 -15.50 7.75 -3.46
C PRO A 158 -14.88 7.56 -4.85
N GLY A 159 -15.62 6.94 -5.75
CA GLY A 159 -15.21 6.84 -7.14
C GLY A 159 -15.80 7.99 -7.92
N LEU A 160 -15.84 7.87 -9.23
CA LEU A 160 -16.41 8.90 -10.09
C LEU A 160 -17.81 9.31 -9.64
N GLY A 191 -21.50 7.49 -8.49
CA GLY A 191 -22.45 6.53 -7.97
C GLY A 191 -23.56 7.19 -7.19
N GLU A 192 -24.33 6.39 -6.47
CA GLU A 192 -25.44 6.89 -5.67
C GLU A 192 -24.89 7.67 -4.46
N ALA A 193 -25.47 8.84 -4.20
CA ALA A 193 -24.98 9.71 -3.15
C ALA A 193 -25.26 9.15 -1.76
N SER A 194 -26.36 8.45 -1.62
CA SER A 194 -26.73 7.87 -0.33
C SER A 194 -25.80 6.73 0.07
N ASP A 195 -25.29 6.01 -0.91
CA ASP A 195 -24.32 4.95 -0.66
C ASP A 195 -23.01 5.51 -0.14
N ILE A 196 -22.58 6.64 -0.71
CA ILE A 196 -21.38 7.31 -0.24
C ILE A 196 -21.63 7.79 1.17
N ALA A 197 -22.80 8.40 1.38
CA ALA A 197 -23.18 8.91 2.69
C ALA A 197 -23.17 7.80 3.73
N MET A 198 -23.58 6.61 3.33
CA MET A 198 -23.60 5.47 4.23
C MET A 198 -22.20 5.20 4.78
N ALA A 199 -21.19 5.45 3.95
CA ALA A 199 -19.81 5.19 4.35
C ALA A 199 -19.39 6.16 5.45
N TYR A 200 -19.80 7.41 5.33
CA TYR A 200 -19.52 8.40 6.36
C TYR A 200 -20.17 7.99 7.67
N LEU A 201 -21.45 7.62 7.60
CA LEU A 201 -22.20 7.17 8.77
C LEU A 201 -21.47 6.02 9.46
N PHE A 202 -20.95 5.09 8.65
CA PHE A 202 -20.23 3.93 9.17
C PHE A 202 -18.96 4.36 9.91
N ALA A 203 -18.25 5.32 9.33
CA ALA A 203 -17.06 5.88 9.96
C ALA A 203 -17.44 6.53 11.30
N ILE A 204 -18.52 7.28 11.28
CA ILE A 204 -18.99 8.01 12.45
C ILE A 204 -19.45 7.08 13.59
N GLN A 205 -20.02 5.93 13.22
CA GLN A 205 -20.65 5.05 14.20
C GLN A 205 -19.73 3.98 14.78
N ASN A 206 -18.66 3.62 14.06
CA ASN A 206 -17.77 2.56 14.50
C ASN A 206 -16.65 3.11 15.39
N SER A 207 -16.72 2.77 16.68
CA SER A 207 -15.79 3.30 17.68
C SER A 207 -14.45 2.58 17.67
N TYR A 208 -14.30 1.58 16.81
CA TYR A 208 -13.07 0.82 16.73
C TYR A 208 -12.35 1.07 15.40
N MET A 209 -12.75 2.14 14.71
CA MET A 209 -12.18 2.48 13.42
C MET A 209 -11.52 3.85 13.48
N THR A 210 -10.22 3.90 13.21
CA THR A 210 -9.48 5.16 13.14
C THR A 210 -8.24 4.98 12.27
N GLY A 211 -7.96 5.97 11.43
CA GLY A 211 -6.79 5.93 10.57
C GLY A 211 -6.99 5.09 9.32
N THR A 212 -8.25 4.80 8.98
CA THR A 212 -8.53 3.97 7.81
C THR A 212 -9.17 4.77 6.69
N VAL A 213 -8.97 4.29 5.47
CA VAL A 213 -9.55 4.89 4.27
C VAL A 213 -10.56 3.93 3.66
N ILE A 214 -11.82 4.34 3.61
CA ILE A 214 -12.89 3.46 3.14
C ILE A 214 -13.25 3.71 1.68
N ASP A 215 -13.05 2.68 0.86
CA ASP A 215 -13.34 2.77 -0.56
C ASP A 215 -14.79 2.45 -0.85
N VAL A 216 -15.47 3.40 -1.48
CA VAL A 216 -16.81 3.18 -2.00
C VAL A 216 -16.82 3.67 -3.44
N ASP A 217 -16.17 2.90 -4.31
CA ASP A 217 -15.87 3.35 -5.67
C ASP A 217 -16.59 2.51 -6.72
N GLY A 218 -17.42 1.56 -6.28
CA GLY A 218 -18.18 0.74 -7.20
C GLY A 218 -17.31 -0.18 -8.05
N GLY A 219 -16.09 -0.43 -7.59
CA GLY A 219 -15.21 -1.38 -8.26
C GLY A 219 -14.25 -0.76 -9.24
N ALA A 220 -14.23 0.58 -9.31
CA ALA A 220 -13.40 1.28 -10.28
C ALA A 220 -11.91 1.06 -10.05
N LEU A 221 -11.53 0.83 -8.79
CA LEU A 221 -10.12 0.61 -8.46
C LEU A 221 -9.63 -0.73 -9.00
N LEU A 222 -10.55 -1.66 -9.23
CA LEU A 222 -10.21 -2.97 -9.75
C LEU A 222 -9.71 -2.86 -11.20
N GLY A 223 -10.08 -1.76 -11.85
CA GLY A 223 -9.70 -1.54 -13.24
C GLY A 223 -10.53 -2.41 -14.18
N ASP B 5 -40.39 -14.54 0.72
CA ASP B 5 -39.55 -13.55 0.06
C ASP B 5 -38.48 -13.03 1.02
N LYS B 6 -37.84 -13.95 1.74
CA LYS B 6 -36.86 -13.59 2.74
C LYS B 6 -35.43 -13.55 2.18
N THR B 7 -34.61 -12.66 2.73
CA THR B 7 -33.21 -12.59 2.39
C THR B 7 -32.45 -13.65 3.17
N VAL B 8 -31.66 -14.46 2.47
CA VAL B 8 -30.99 -15.59 3.10
C VAL B 8 -29.50 -15.36 3.25
N TYR B 9 -28.98 -15.64 4.45
CA TYR B 9 -27.56 -15.46 4.75
C TYR B 9 -26.92 -16.80 5.11
N VAL B 10 -25.65 -16.95 4.73
CA VAL B 10 -24.83 -18.06 5.21
C VAL B 10 -23.58 -17.52 5.89
N VAL B 11 -23.39 -17.90 7.15
CA VAL B 11 -22.20 -17.48 7.89
C VAL B 11 -21.36 -18.71 8.24
N LEU B 12 -20.21 -18.83 7.60
CA LEU B 12 -19.32 -19.94 7.88
C LEU B 12 -18.38 -19.56 9.02
N GLY B 13 -18.45 -20.31 10.11
CA GLY B 13 -17.79 -19.95 11.34
C GLY B 13 -18.71 -19.09 12.18
N GLY B 14 -20.01 -19.18 11.90
CA GLY B 14 -21.01 -18.36 12.57
C GLY B 14 -21.55 -19.01 13.83
N THR B 15 -20.84 -20.00 14.34
CA THR B 15 -21.25 -20.67 15.58
C THR B 15 -20.59 -20.04 16.80
N SER B 16 -19.60 -19.19 16.58
CA SER B 16 -18.92 -18.51 17.68
C SER B 16 -18.18 -17.26 17.22
N GLY B 17 -17.78 -16.44 18.19
CA GLY B 17 -16.96 -15.27 17.93
C GLY B 17 -17.68 -14.21 17.11
N ILE B 18 -16.97 -13.66 16.13
CA ILE B 18 -17.51 -12.60 15.28
C ILE B 18 -18.72 -13.11 14.51
N GLY B 19 -18.61 -14.34 13.99
CA GLY B 19 -19.67 -14.93 13.20
C GLY B 19 -20.97 -15.05 13.95
N ALA B 20 -20.90 -15.50 15.19
CA ALA B 20 -22.08 -15.68 16.02
C ALA B 20 -22.75 -14.35 16.31
N GLU B 21 -21.93 -13.34 16.61
CA GLU B 21 -22.44 -12.00 16.89
C GLU B 21 -23.11 -11.40 15.65
N LEU B 22 -22.51 -11.64 14.49
CA LEU B 22 -23.05 -11.18 13.22
C LEU B 22 -24.33 -11.92 12.86
N ALA B 23 -24.38 -13.20 13.19
CA ALA B 23 -25.54 -14.02 12.90
C ALA B 23 -26.74 -13.58 13.73
N LYS B 24 -26.49 -13.23 14.98
CA LYS B 24 -27.53 -12.71 15.86
C LYS B 24 -28.09 -11.42 15.30
N GLN B 25 -27.21 -10.50 14.92
CA GLN B 25 -27.61 -9.19 14.41
C GLN B 25 -28.37 -9.30 13.08
N LEU B 26 -28.08 -10.33 12.30
CA LEU B 26 -28.73 -10.52 11.01
C LEU B 26 -30.14 -11.08 11.15
N GLU B 27 -30.40 -11.75 12.27
CA GLU B 27 -31.72 -12.33 12.52
C GLU B 27 -32.78 -11.24 12.52
N SER B 28 -33.87 -11.49 11.78
CA SER B 28 -34.95 -10.51 11.66
C SER B 28 -36.15 -11.14 10.97
N GLU B 29 -37.28 -10.43 11.03
CA GLU B 29 -38.53 -10.95 10.48
C GLU B 29 -38.46 -11.21 8.97
N HIS B 30 -37.44 -10.67 8.32
CA HIS B 30 -37.33 -10.75 6.86
C HIS B 30 -36.08 -11.49 6.40
N THR B 31 -35.44 -12.22 7.31
CA THR B 31 -34.20 -12.91 6.97
C THR B 31 -34.14 -14.34 7.51
N ILE B 32 -33.41 -15.19 6.78
CA ILE B 32 -33.04 -16.50 7.27
C ILE B 32 -31.53 -16.58 7.34
N VAL B 33 -31.01 -17.06 8.47
CA VAL B 33 -29.57 -17.05 8.70
C VAL B 33 -29.06 -18.44 9.00
N HIS B 34 -28.32 -19.02 8.06
CA HIS B 34 -27.71 -20.32 8.24
C HIS B 34 -26.29 -20.16 8.77
N VAL B 35 -25.97 -20.86 9.86
CA VAL B 35 -24.61 -20.86 10.38
C VAL B 35 -24.05 -22.27 10.33
N ALA B 36 -22.76 -22.35 10.03
CA ALA B 36 -22.10 -23.65 9.94
C ALA B 36 -20.62 -23.53 10.25
N SER B 37 -20.07 -24.61 10.79
CA SER B 37 -18.66 -24.69 11.15
C SER B 37 -18.36 -26.13 11.50
N ARG B 38 -17.17 -26.39 12.03
CA ARG B 38 -16.83 -27.73 12.48
C ARG B 38 -17.91 -28.26 13.42
N GLN B 39 -18.35 -27.40 14.33
CA GLN B 39 -19.35 -27.76 15.32
C GLN B 39 -20.63 -28.30 14.70
N THR B 40 -20.98 -27.81 13.52
CA THR B 40 -22.20 -28.26 12.84
C THR B 40 -21.89 -29.37 11.83
N GLY B 41 -20.62 -29.77 11.76
CA GLY B 41 -20.23 -30.86 10.89
C GLY B 41 -19.74 -30.42 9.52
N LEU B 42 -19.44 -29.13 9.38
CA LEU B 42 -18.86 -28.61 8.15
C LEU B 42 -17.36 -28.41 8.31
N ASP B 43 -16.59 -29.09 7.46
CA ASP B 43 -15.14 -28.89 7.40
C ASP B 43 -14.84 -28.04 6.17
N ILE B 44 -14.62 -26.75 6.39
CA ILE B 44 -14.49 -25.80 5.29
C ILE B 44 -13.20 -26.00 4.48
N SER B 45 -12.28 -26.81 5.00
CA SER B 45 -11.03 -27.06 4.29
C SER B 45 -11.13 -28.29 3.38
N ASP B 46 -12.31 -28.91 3.37
CA ASP B 46 -12.56 -30.09 2.55
C ASP B 46 -13.58 -29.78 1.47
N GLU B 47 -13.18 -29.95 0.21
CA GLU B 47 -14.01 -29.54 -0.92
C GLU B 47 -15.32 -30.33 -1.02
N LYS B 48 -15.28 -31.62 -0.75
CA LYS B 48 -16.48 -32.45 -0.80
C LYS B 48 -17.51 -31.94 0.19
N SER B 49 -17.07 -31.72 1.42
CA SER B 49 -17.94 -31.20 2.48
C SER B 49 -18.57 -29.88 2.08
N VAL B 50 -17.74 -28.94 1.63
CA VAL B 50 -18.21 -27.61 1.25
C VAL B 50 -19.18 -27.68 0.06
N TYR B 51 -18.85 -28.52 -0.92
CA TYR B 51 -19.72 -28.70 -2.08
C TYR B 51 -21.09 -29.21 -1.66
N HIS B 52 -21.10 -30.21 -0.78
CA HIS B 52 -22.33 -30.82 -0.30
C HIS B 52 -23.15 -29.84 0.55
N TYR B 53 -22.47 -29.09 1.40
CA TYR B 53 -23.15 -28.16 2.29
C TYR B 53 -24.02 -27.18 1.50
N PHE B 54 -23.45 -26.57 0.48
CA PHE B 54 -24.15 -25.57 -0.30
C PHE B 54 -25.28 -26.20 -1.10
N GLU B 55 -25.12 -27.48 -1.46
CA GLU B 55 -26.18 -28.23 -2.12
C GLU B 55 -27.45 -28.17 -1.29
N THR B 56 -27.30 -28.38 0.02
CA THR B 56 -28.46 -28.47 0.91
C THR B 56 -29.08 -27.11 1.18
N ILE B 57 -28.28 -26.05 1.05
CA ILE B 57 -28.76 -24.69 1.32
C ILE B 57 -29.58 -24.15 0.15
N GLY B 58 -29.08 -24.34 -1.07
CA GLY B 58 -29.74 -23.84 -2.25
C GLY B 58 -29.45 -22.36 -2.44
N ALA B 59 -30.24 -21.72 -3.31
CA ALA B 59 -30.05 -20.30 -3.61
C ALA B 59 -30.13 -19.45 -2.35
N PHE B 60 -29.20 -18.52 -2.20
CA PHE B 60 -29.21 -17.58 -1.09
C PHE B 60 -28.59 -16.25 -1.52
N ASP B 61 -28.55 -15.28 -0.62
CA ASP B 61 -28.23 -13.90 -0.99
C ASP B 61 -26.81 -13.46 -0.62
N HIS B 62 -26.40 -13.71 0.62
CA HIS B 62 -25.11 -13.21 1.10
C HIS B 62 -24.29 -14.28 1.81
N LEU B 63 -23.06 -14.45 1.34
CA LEU B 63 -22.11 -15.37 1.95
C LEU B 63 -21.10 -14.61 2.79
N ILE B 64 -20.86 -15.10 4.01
CA ILE B 64 -19.88 -14.47 4.90
C ILE B 64 -18.99 -15.53 5.55
N VAL B 65 -17.69 -15.44 5.31
CA VAL B 65 -16.74 -16.39 5.87
C VAL B 65 -15.89 -15.74 6.96
N THR B 66 -15.98 -16.26 8.17
CA THR B 66 -15.19 -15.75 9.30
C THR B 66 -14.33 -16.87 9.90
N ALA B 67 -14.45 -18.07 9.33
CA ALA B 67 -13.83 -19.26 9.90
C ALA B 67 -12.30 -19.26 9.78
N GLY B 68 -11.68 -20.20 10.50
CA GLY B 68 -10.23 -20.42 10.40
C GLY B 68 -9.45 -19.54 11.35
N SER B 69 -9.50 -19.86 12.64
CA SER B 69 -8.93 -18.99 13.67
C SER B 69 -7.46 -19.27 13.99
N TYR B 70 -7.05 -20.54 13.97
CA TYR B 70 -5.72 -20.90 14.47
C TYR B 70 -4.62 -20.90 13.39
N ALA B 71 -3.43 -20.48 13.81
CA ALA B 71 -2.23 -20.56 13.00
C ALA B 71 -1.02 -20.64 13.93
N PRO B 72 -0.04 -21.49 13.61
CA PRO B 72 1.14 -21.64 14.46
C PRO B 72 2.02 -20.39 14.49
N ALA B 73 2.14 -19.79 15.67
CA ALA B 73 3.01 -18.62 15.84
C ALA B 73 4.47 -19.04 15.82
N GLY B 74 5.37 -18.10 15.53
CA GLY B 74 6.80 -18.38 15.58
C GLY B 74 7.58 -17.89 14.37
N LYS B 75 8.90 -17.90 14.50
CA LYS B 75 9.80 -17.52 13.41
C LYS B 75 9.64 -18.46 12.21
N VAL B 76 9.96 -17.95 11.02
CA VAL B 76 9.91 -18.77 9.82
C VAL B 76 10.83 -19.98 9.93
N VAL B 77 12.00 -19.78 10.53
CA VAL B 77 12.99 -20.84 10.67
C VAL B 77 12.57 -21.89 11.68
N ASP B 78 11.62 -21.55 12.54
CA ASP B 78 11.21 -22.44 13.62
C ASP B 78 9.90 -23.15 13.32
N VAL B 79 8.94 -22.43 12.74
CA VAL B 79 7.60 -22.97 12.52
C VAL B 79 7.62 -24.21 11.63
N GLU B 80 6.91 -25.25 12.07
CA GLU B 80 6.77 -26.48 11.30
C GLU B 80 5.87 -26.20 10.10
N VAL B 81 6.40 -26.44 8.90
CA VAL B 81 5.71 -26.08 7.67
C VAL B 81 4.38 -26.81 7.48
N THR B 82 4.30 -28.06 7.92
CA THR B 82 3.06 -28.81 7.81
C THR B 82 1.94 -28.13 8.59
N GLN B 83 2.29 -27.55 9.73
CA GLN B 83 1.32 -26.83 10.55
C GLN B 83 0.90 -25.56 9.82
N ALA B 84 1.89 -24.89 9.23
CA ALA B 84 1.63 -23.67 8.48
C ALA B 84 0.69 -23.96 7.31
N LYS B 85 0.97 -25.04 6.59
CA LYS B 85 0.14 -25.45 5.46
C LYS B 85 -1.27 -25.82 5.90
N TYR B 86 -1.36 -26.43 7.08
CA TYR B 86 -2.66 -26.83 7.63
C TYR B 86 -3.51 -25.60 7.96
N ALA B 87 -2.87 -24.57 8.51
CA ALA B 87 -3.55 -23.33 8.81
C ALA B 87 -4.02 -22.67 7.52
N PHE B 88 -3.19 -22.76 6.48
CA PHE B 88 -3.53 -22.24 5.16
C PHE B 88 -4.75 -22.96 4.62
N ASP B 89 -4.78 -24.28 4.79
CA ASP B 89 -5.88 -25.10 4.28
C ASP B 89 -7.24 -24.62 4.79
N THR B 90 -7.28 -24.23 6.06
CA THR B 90 -8.55 -23.85 6.70
C THR B 90 -8.97 -22.43 6.36
N LYS B 91 -8.15 -21.45 6.72
CA LYS B 91 -8.56 -20.05 6.56
C LYS B 91 -8.53 -19.57 5.11
N PHE B 92 -7.44 -19.83 4.39
CA PHE B 92 -7.32 -19.35 3.01
C PHE B 92 -8.09 -20.23 2.05
N TRP B 93 -7.65 -21.48 1.88
CA TRP B 93 -8.28 -22.39 0.93
C TRP B 93 -9.73 -22.64 1.33
N GLY B 94 -10.02 -22.48 2.62
CA GLY B 94 -11.39 -22.57 3.10
C GLY B 94 -12.25 -21.48 2.47
N ALA B 95 -11.71 -20.26 2.44
CA ALA B 95 -12.42 -19.12 1.86
C ALA B 95 -12.52 -19.27 0.35
N VAL B 96 -11.46 -19.78 -0.27
CA VAL B 96 -11.46 -20.04 -1.70
C VAL B 96 -12.53 -21.06 -2.05
N LEU B 97 -12.57 -22.15 -1.29
CA LEU B 97 -13.56 -23.20 -1.50
C LEU B 97 -14.97 -22.68 -1.29
N ALA B 98 -15.18 -21.88 -0.25
CA ALA B 98 -16.48 -21.32 0.05
C ALA B 98 -16.96 -20.44 -1.10
N ALA B 99 -16.06 -19.62 -1.61
CA ALA B 99 -16.37 -18.73 -2.74
C ALA B 99 -16.58 -19.53 -4.02
N LYS B 100 -15.72 -20.53 -4.23
CA LYS B 100 -15.79 -21.35 -5.44
C LYS B 100 -17.13 -22.07 -5.58
N HIS B 101 -17.64 -22.58 -4.47
CA HIS B 101 -18.85 -23.39 -4.48
C HIS B 101 -20.08 -22.62 -4.01
N GLY B 102 -19.85 -21.51 -3.31
CA GLY B 102 -20.95 -20.68 -2.85
C GLY B 102 -21.48 -19.76 -3.94
N ALA B 103 -20.58 -19.30 -4.79
CA ALA B 103 -20.92 -18.33 -5.84
C ALA B 103 -22.09 -18.77 -6.71
N ARG B 104 -22.16 -20.07 -6.98
CA ARG B 104 -23.17 -20.60 -7.90
C ARG B 104 -24.58 -20.41 -7.38
N TYR B 105 -24.73 -20.28 -6.06
CA TYR B 105 -26.04 -20.22 -5.43
C TYR B 105 -26.47 -18.80 -5.08
N LEU B 106 -25.59 -17.82 -5.30
CA LEU B 106 -25.88 -16.44 -4.95
C LEU B 106 -26.91 -15.81 -5.88
N LYS B 107 -28.02 -15.35 -5.30
CA LYS B 107 -29.03 -14.64 -6.06
C LYS B 107 -28.46 -13.32 -6.58
N GLN B 108 -29.10 -12.78 -7.60
CA GLN B 108 -28.73 -11.46 -8.12
C GLN B 108 -28.82 -10.41 -7.01
N GLY B 109 -27.81 -9.56 -6.92
CA GLY B 109 -27.77 -8.52 -5.91
C GLY B 109 -27.08 -8.95 -4.63
N GLY B 110 -26.54 -10.17 -4.62
CA GLY B 110 -25.91 -10.72 -3.44
C GLY B 110 -24.44 -10.33 -3.31
N SER B 111 -23.79 -10.86 -2.29
CA SER B 111 -22.38 -10.53 -2.04
C SER B 111 -21.64 -11.65 -1.30
N ILE B 112 -20.31 -11.58 -1.34
CA ILE B 112 -19.45 -12.43 -0.54
C ILE B 112 -18.54 -11.54 0.31
N THR B 113 -18.49 -11.80 1.61
CA THR B 113 -17.61 -11.05 2.50
C THR B 113 -16.65 -11.98 3.22
N LEU B 114 -15.36 -11.78 2.97
CA LEU B 114 -14.33 -12.62 3.56
C LEU B 114 -13.67 -11.94 4.73
N THR B 115 -12.84 -12.70 5.44
CA THR B 115 -12.11 -12.17 6.59
C THR B 115 -10.62 -12.30 6.38
N SER B 116 -9.91 -11.18 6.51
CA SER B 116 -8.46 -11.19 6.52
C SER B 116 -7.96 -10.86 7.93
N GLY B 117 -7.25 -9.75 8.07
CA GLY B 117 -6.71 -9.36 9.36
C GLY B 117 -5.58 -8.37 9.19
N MET B 118 -5.39 -7.50 10.17
CA MET B 118 -4.42 -6.42 10.08
C MET B 118 -3.02 -6.94 9.79
N LEU B 119 -2.72 -8.16 10.22
CA LEU B 119 -1.37 -8.70 10.08
C LEU B 119 -0.94 -8.82 8.62
N SER B 120 -1.90 -8.70 7.71
CA SER B 120 -1.58 -8.71 6.29
C SER B 120 -0.68 -7.53 5.94
N ARG B 121 -0.80 -6.45 6.72
CA ARG B 121 -0.05 -5.23 6.46
C ARG B 121 0.77 -4.72 7.64
N LYS B 122 0.43 -5.17 8.86
CA LYS B 122 1.25 -4.82 10.02
C LYS B 122 2.33 -5.88 10.20
N VAL B 123 3.59 -5.47 10.02
CA VAL B 123 4.70 -6.41 10.06
C VAL B 123 5.10 -6.72 11.50
N VAL B 124 4.83 -7.94 11.92
CA VAL B 124 5.07 -8.38 13.29
C VAL B 124 5.82 -9.70 13.32
N ALA B 125 6.94 -9.74 14.03
CA ALA B 125 7.74 -10.95 14.13
C ALA B 125 6.89 -12.11 14.67
N ASN B 126 7.12 -13.31 14.15
CA ASN B 126 6.45 -14.52 14.61
C ASN B 126 5.05 -14.73 14.02
N THR B 127 4.65 -13.90 13.05
CA THR B 127 3.29 -13.98 12.52
C THR B 127 3.24 -14.17 10.99
N TYR B 128 4.25 -14.84 10.43
CA TYR B 128 4.34 -14.95 8.97
C TYR B 128 3.22 -15.80 8.37
N VAL B 129 2.70 -16.75 9.13
CA VAL B 129 1.61 -17.60 8.65
C VAL B 129 0.32 -16.80 8.51
N LYS B 130 0.02 -15.99 9.51
CA LYS B 130 -1.18 -15.15 9.47
C LYS B 130 -1.02 -14.03 8.46
N ALA B 131 0.15 -13.41 8.45
CA ALA B 131 0.44 -12.33 7.51
C ALA B 131 0.24 -12.80 6.08
N ALA B 132 0.78 -13.98 5.79
CA ALA B 132 0.71 -14.55 4.44
C ALA B 132 -0.71 -14.95 4.08
N ILE B 133 -1.43 -15.54 5.02
CA ILE B 133 -2.81 -15.95 4.79
C ILE B 133 -3.68 -14.75 4.48
N ASN B 134 -3.57 -13.72 5.32
CA ASN B 134 -4.39 -12.53 5.17
C ASN B 134 -4.08 -11.77 3.90
N ALA B 135 -2.79 -11.64 3.58
CA ALA B 135 -2.38 -10.98 2.35
C ALA B 135 -2.97 -11.71 1.15
N ALA B 136 -2.99 -13.03 1.24
CA ALA B 136 -3.53 -13.87 0.18
C ALA B 136 -5.04 -13.68 0.03
N ILE B 137 -5.74 -13.60 1.16
CA ILE B 137 -7.18 -13.41 1.16
C ILE B 137 -7.57 -12.08 0.51
N GLU B 138 -6.83 -11.03 0.83
CA GLU B 138 -7.14 -9.69 0.33
C GLU B 138 -6.89 -9.59 -1.16
N ALA B 139 -5.84 -10.23 -1.65
CA ALA B 139 -5.54 -10.24 -3.07
C ALA B 139 -6.60 -11.05 -3.82
N THR B 140 -7.05 -12.15 -3.22
CA THR B 140 -8.06 -12.99 -3.84
C THR B 140 -9.42 -12.31 -3.81
N THR B 141 -9.68 -11.56 -2.74
CA THR B 141 -10.92 -10.80 -2.63
C THR B 141 -11.13 -9.90 -3.84
N LYS B 142 -10.07 -9.22 -4.25
CA LYS B 142 -10.16 -8.25 -5.34
C LYS B 142 -10.30 -8.93 -6.69
N VAL B 143 -9.60 -10.05 -6.89
CA VAL B 143 -9.77 -10.85 -8.09
C VAL B 143 -11.20 -11.36 -8.19
N LEU B 144 -11.72 -11.91 -7.08
CA LEU B 144 -13.09 -12.39 -7.04
C LEU B 144 -14.06 -11.27 -7.41
N ALA B 145 -13.84 -10.09 -6.82
CA ALA B 145 -14.72 -8.95 -7.05
C ALA B 145 -14.80 -8.62 -8.53
N LYS B 146 -13.68 -8.76 -9.21
CA LYS B 146 -13.60 -8.44 -10.64
C LYS B 146 -14.27 -9.51 -11.49
N GLU B 147 -14.10 -10.77 -11.08
CA GLU B 147 -14.61 -11.90 -11.84
C GLU B 147 -16.11 -12.12 -11.61
N LEU B 148 -16.59 -11.76 -10.43
CA LEU B 148 -17.97 -12.08 -10.05
C LEU B 148 -18.96 -10.93 -10.26
N ALA B 149 -18.47 -9.74 -10.56
CA ALA B 149 -19.34 -8.61 -10.86
C ALA B 149 -20.51 -9.10 -11.71
N PRO B 150 -21.73 -8.67 -11.40
CA PRO B 150 -22.11 -7.67 -10.40
C PRO B 150 -22.25 -8.20 -8.97
N ILE B 151 -21.96 -9.48 -8.72
CA ILE B 151 -21.87 -9.97 -7.36
C ILE B 151 -20.72 -9.24 -6.69
N ARG B 152 -20.98 -8.67 -5.52
CA ARG B 152 -19.97 -7.87 -4.82
C ARG B 152 -19.16 -8.75 -3.88
N VAL B 153 -17.86 -8.48 -3.81
CA VAL B 153 -16.98 -9.21 -2.92
C VAL B 153 -16.09 -8.24 -2.14
N ASN B 154 -16.11 -8.39 -0.82
CA ASN B 154 -15.31 -7.55 0.06
C ASN B 154 -14.66 -8.37 1.16
N ALA B 155 -13.72 -7.76 1.88
CA ALA B 155 -13.08 -8.42 3.01
C ALA B 155 -13.06 -7.49 4.22
N ILE B 156 -13.31 -8.06 5.39
CA ILE B 156 -13.17 -7.31 6.64
C ILE B 156 -11.83 -7.68 7.27
N SER B 157 -11.09 -6.66 7.69
CA SER B 157 -9.77 -6.87 8.28
C SER B 157 -9.77 -6.43 9.74
N PRO B 158 -10.11 -7.36 10.65
CA PRO B 158 -10.15 -7.05 12.07
C PRO B 158 -8.76 -6.93 12.70
N GLY B 159 -8.67 -6.19 13.79
CA GLY B 159 -7.44 -6.11 14.56
C GLY B 159 -7.57 -6.95 15.82
N LEU B 160 -6.70 -6.71 16.79
CA LEU B 160 -6.74 -7.45 18.05
C LEU B 160 -8.17 -7.63 18.54
N LEU B 185 -3.33 1.05 21.97
CA LEU B 185 -4.17 1.35 20.82
C LEU B 185 -4.69 2.78 20.86
N PRO B 186 -4.62 3.48 19.71
CA PRO B 186 -5.13 4.85 19.61
C PRO B 186 -6.55 5.04 20.12
N VAL B 187 -7.44 4.08 19.90
CA VAL B 187 -8.84 4.22 20.32
C VAL B 187 -9.01 4.09 21.83
N GLY B 188 -8.09 3.38 22.48
CA GLY B 188 -8.10 3.23 23.92
C GLY B 188 -8.94 2.06 24.40
N LYS B 189 -9.22 1.13 23.49
CA LYS B 189 -9.97 -0.07 23.85
C LYS B 189 -9.62 -1.23 22.91
N VAL B 190 -9.96 -2.45 23.34
CA VAL B 190 -9.86 -3.61 22.48
C VAL B 190 -11.19 -3.76 21.76
N GLY B 191 -11.18 -4.37 20.58
CA GLY B 191 -12.38 -4.45 19.77
C GLY B 191 -13.45 -5.36 20.34
N GLU B 192 -14.69 -4.85 20.37
CA GLU B 192 -15.83 -5.66 20.75
C GLU B 192 -16.37 -6.37 19.51
N ALA B 193 -16.89 -7.58 19.69
CA ALA B 193 -17.36 -8.38 18.57
C ALA B 193 -18.38 -7.64 17.73
N SER B 194 -19.19 -6.80 18.38
CA SER B 194 -20.24 -6.07 17.68
C SER B 194 -19.69 -4.94 16.83
N ASP B 195 -18.52 -4.43 17.19
CA ASP B 195 -17.84 -3.42 16.38
C ASP B 195 -17.35 -4.04 15.06
N ILE B 196 -16.87 -5.27 15.14
CA ILE B 196 -16.41 -5.97 13.95
C ILE B 196 -17.61 -6.37 13.09
N ALA B 197 -18.64 -6.88 13.73
CA ALA B 197 -19.85 -7.29 13.05
C ALA B 197 -20.44 -6.15 12.24
N MET B 198 -20.36 -4.93 12.77
CA MET B 198 -20.91 -3.76 12.11
C MET B 198 -20.26 -3.57 10.74
N ALA B 199 -18.98 -3.93 10.64
CA ALA B 199 -18.25 -3.78 9.39
C ALA B 199 -18.81 -4.72 8.33
N TYR B 200 -19.13 -5.95 8.73
CA TYR B 200 -19.73 -6.92 7.84
C TYR B 200 -21.07 -6.41 7.32
N LEU B 201 -21.89 -5.89 8.24
CA LEU B 201 -23.21 -5.37 7.88
C LEU B 201 -23.08 -4.24 6.86
N PHE B 202 -22.03 -3.44 6.99
CA PHE B 202 -21.79 -2.33 6.08
C PHE B 202 -21.43 -2.84 4.69
N ALA B 203 -20.58 -3.85 4.64
CA ALA B 203 -20.22 -4.49 3.37
C ALA B 203 -21.45 -5.09 2.71
N ILE B 204 -22.31 -5.68 3.52
CA ILE B 204 -23.50 -6.35 3.01
C ILE B 204 -24.55 -5.37 2.49
N GLN B 205 -24.65 -4.20 3.12
CA GLN B 205 -25.70 -3.24 2.80
C GLN B 205 -25.32 -2.20 1.74
N ASN B 206 -24.03 -1.91 1.62
CA ASN B 206 -23.57 -0.90 0.67
C ASN B 206 -23.33 -1.51 -0.71
N SER B 207 -24.27 -1.27 -1.63
CA SER B 207 -24.23 -1.89 -2.96
C SER B 207 -23.31 -1.14 -3.92
N TYR B 208 -22.58 -0.16 -3.43
CA TYR B 208 -21.59 0.53 -4.25
C TYR B 208 -20.18 0.16 -3.81
N MET B 209 -20.07 -0.89 -3.00
CA MET B 209 -18.77 -1.34 -2.53
C MET B 209 -18.46 -2.76 -2.98
N THR B 210 -17.35 -2.91 -3.70
CA THR B 210 -16.86 -4.22 -4.10
C THR B 210 -15.37 -4.16 -4.35
N GLY B 211 -14.66 -5.19 -3.90
CA GLY B 211 -13.23 -5.26 -4.06
C GLY B 211 -12.46 -4.44 -3.04
N THR B 212 -13.10 -4.09 -1.93
CA THR B 212 -12.45 -3.29 -0.90
C THR B 212 -12.14 -4.10 0.35
N VAL B 213 -11.17 -3.62 1.11
CA VAL B 213 -10.78 -4.24 2.37
C VAL B 213 -11.01 -3.24 3.50
N ILE B 214 -11.96 -3.54 4.38
CA ILE B 214 -12.37 -2.62 5.43
C ILE B 214 -11.66 -2.91 6.74
N ASP B 215 -10.79 -1.97 7.14
CA ASP B 215 -10.03 -2.10 8.37
C ASP B 215 -10.86 -1.68 9.59
N VAL B 216 -10.83 -2.53 10.60
CA VAL B 216 -11.47 -2.22 11.87
C VAL B 216 -10.52 -2.72 12.96
N ASP B 217 -9.44 -1.98 13.19
CA ASP B 217 -8.31 -2.48 13.97
C ASP B 217 -7.98 -1.61 15.18
N GLY B 218 -8.84 -0.63 15.48
CA GLY B 218 -8.61 0.23 16.62
C GLY B 218 -7.36 1.07 16.48
N GLY B 219 -6.87 1.19 15.24
CA GLY B 219 -5.73 2.04 14.95
C GLY B 219 -4.39 1.34 15.07
N ALA B 220 -4.42 0.02 15.13
CA ALA B 220 -3.19 -0.77 15.32
C ALA B 220 -2.26 -0.66 14.11
N LEU B 221 -2.84 -0.38 12.94
CA LEU B 221 -2.06 -0.29 11.71
C LEU B 221 -1.23 1.00 11.68
N LEU B 222 -1.55 1.94 12.55
CA LEU B 222 -0.79 3.18 12.65
C LEU B 222 0.51 2.93 13.38
N GLY B 223 0.61 1.77 14.02
CA GLY B 223 1.84 1.36 14.67
C GLY B 223 2.26 2.29 15.80
N ASP C 5 27.45 10.66 -28.45
CA ASP C 5 27.79 11.86 -27.69
C ASP C 5 27.74 11.57 -26.19
N LYS C 6 27.96 12.61 -25.39
CA LYS C 6 27.99 12.44 -23.94
C LYS C 6 26.59 12.43 -23.33
N THR C 7 26.40 11.57 -22.34
CA THR C 7 25.15 11.49 -21.60
C THR C 7 25.07 12.65 -20.62
N VAL C 8 23.95 13.37 -20.65
CA VAL C 8 23.81 14.58 -19.84
C VAL C 8 22.85 14.40 -18.67
N TYR C 9 23.32 14.78 -17.48
CA TYR C 9 22.52 14.67 -16.26
C TYR C 9 22.24 16.04 -15.66
N VAL C 10 21.00 16.22 -15.19
CA VAL C 10 20.63 17.41 -14.44
C VAL C 10 20.15 17.02 -13.04
N VAL C 11 20.92 17.40 -12.02
CA VAL C 11 20.58 17.08 -10.64
C VAL C 11 20.19 18.33 -9.87
N LEU C 12 18.89 18.53 -9.71
CA LEU C 12 18.39 19.67 -8.94
C LEU C 12 18.49 19.36 -7.45
N GLY C 13 19.20 20.22 -6.73
CA GLY C 13 19.52 19.96 -5.34
C GLY C 13 20.82 19.20 -5.23
N GLY C 14 21.58 19.19 -6.32
CA GLY C 14 22.79 18.39 -6.41
C GLY C 14 24.05 19.07 -5.90
N THR C 15 23.89 20.22 -5.25
CA THR C 15 25.04 20.92 -4.69
C THR C 15 25.37 20.47 -3.28
N SER C 16 24.53 19.59 -2.71
CA SER C 16 24.77 19.07 -1.37
C SER C 16 23.92 17.84 -1.07
N GLY C 17 24.25 17.16 0.02
CA GLY C 17 23.50 16.01 0.49
C GLY C 17 23.51 14.84 -0.48
N ILE C 18 22.35 14.21 -0.65
CA ILE C 18 22.22 13.05 -1.52
C ILE C 18 22.59 13.43 -2.96
N GLY C 19 22.08 14.58 -3.40
CA GLY C 19 22.30 15.04 -4.75
C GLY C 19 23.77 15.22 -5.08
N ALA C 20 24.51 15.82 -4.14
CA ALA C 20 25.93 16.04 -4.32
C ALA C 20 26.67 14.72 -4.44
N GLU C 21 26.31 13.78 -3.56
CA GLU C 21 26.91 12.45 -3.59
C GLU C 21 26.65 11.78 -4.94
N LEU C 22 25.44 11.92 -5.45
CA LEU C 22 25.07 11.31 -6.73
C LEU C 22 25.79 11.95 -7.90
N ALA C 23 25.93 13.27 -7.86
CA ALA C 23 26.60 14.01 -8.91
C ALA C 23 28.06 13.59 -9.01
N LYS C 24 28.65 13.29 -7.86
CA LYS C 24 30.04 12.84 -7.81
C LYS C 24 30.20 11.49 -8.47
N GLN C 25 29.22 10.62 -8.29
CA GLN C 25 29.27 9.27 -8.85
C GLN C 25 28.94 9.26 -10.33
N LEU C 26 28.13 10.23 -10.77
CA LEU C 26 27.82 10.38 -12.18
C LEU C 26 28.98 11.04 -12.92
N GLU C 27 29.79 11.79 -12.18
CA GLU C 27 30.89 12.53 -12.77
C GLU C 27 31.91 11.58 -13.41
N SER C 28 32.23 11.87 -14.67
CA SER C 28 33.13 11.04 -15.47
C SER C 28 33.51 11.83 -16.71
N GLU C 29 34.31 11.23 -17.58
CA GLU C 29 34.79 11.94 -18.77
C GLU C 29 33.82 11.85 -19.95
N HIS C 30 32.86 10.92 -19.87
CA HIS C 30 31.90 10.74 -20.95
C HIS C 30 30.50 11.17 -20.54
N THR C 31 30.40 11.87 -19.43
CA THR C 31 29.13 12.36 -18.93
C THR C 31 29.20 13.85 -18.65
N ILE C 32 28.05 14.51 -18.71
CA ILE C 32 27.95 15.91 -18.32
C ILE C 32 26.94 16.04 -17.20
N VAL C 33 27.40 16.51 -16.05
CA VAL C 33 26.57 16.57 -14.85
C VAL C 33 26.32 18.01 -14.43
N HIS C 34 25.11 18.49 -14.68
CA HIS C 34 24.71 19.82 -14.23
C HIS C 34 24.03 19.72 -12.87
N VAL C 35 24.56 20.45 -11.89
CA VAL C 35 23.91 20.55 -10.60
C VAL C 35 23.47 21.98 -10.37
N ALA C 36 22.33 22.15 -9.72
CA ALA C 36 21.80 23.48 -9.45
C ALA C 36 20.96 23.48 -8.18
N SER C 37 20.82 24.66 -7.60
CA SER C 37 20.09 24.84 -6.35
C SER C 37 20.02 26.33 -6.06
N ARG C 38 19.53 26.69 -4.89
CA ARG C 38 19.50 28.09 -4.48
C ARG C 38 20.89 28.70 -4.55
N GLN C 39 21.89 27.91 -4.17
CA GLN C 39 23.28 28.37 -4.16
C GLN C 39 23.76 28.78 -5.54
N THR C 40 23.27 28.10 -6.57
CA THR C 40 23.67 28.38 -7.94
C THR C 40 22.67 29.28 -8.67
N GLY C 41 21.71 29.79 -7.92
CA GLY C 41 20.74 30.73 -8.47
C GLY C 41 19.54 30.08 -9.12
N LEU C 42 19.15 28.91 -8.64
CA LEU C 42 17.92 28.27 -9.06
C LEU C 42 16.95 28.14 -7.89
N ASP C 43 15.84 28.86 -7.96
CA ASP C 43 14.76 28.70 -7.00
C ASP C 43 13.71 27.77 -7.61
N ILE C 44 13.82 26.48 -7.30
CA ILE C 44 12.99 25.47 -7.94
C ILE C 44 11.51 25.66 -7.67
N SER C 45 11.17 26.50 -6.69
CA SER C 45 9.78 26.75 -6.36
C SER C 45 9.19 27.87 -7.22
N ASP C 46 10.06 28.54 -7.98
CA ASP C 46 9.64 29.67 -8.81
C ASP C 46 9.66 29.28 -10.28
N GLU C 47 8.48 29.27 -10.90
CA GLU C 47 8.31 28.73 -12.25
C GLU C 47 9.21 29.38 -13.31
N LYS C 48 9.30 30.71 -13.28
CA LYS C 48 10.11 31.42 -14.28
C LYS C 48 11.60 31.11 -14.09
N SER C 49 11.99 30.77 -12.87
CA SER C 49 13.37 30.42 -12.57
C SER C 49 13.68 29.02 -13.08
N VAL C 50 12.69 28.14 -13.02
CA VAL C 50 12.86 26.77 -13.52
C VAL C 50 12.88 26.79 -15.04
N TYR C 51 11.99 27.55 -15.64
CA TYR C 51 11.97 27.70 -17.09
C TYR C 51 13.32 28.24 -17.56
N HIS C 52 13.82 29.26 -16.89
CA HIS C 52 15.10 29.85 -17.23
C HIS C 52 16.20 28.79 -17.25
N TYR C 53 16.25 27.99 -16.20
CA TYR C 53 17.34 27.03 -16.04
C TYR C 53 17.43 26.06 -17.21
N PHE C 54 16.30 25.48 -17.58
CA PHE C 54 16.28 24.46 -18.62
C PHE C 54 16.51 25.03 -20.01
N GLU C 55 16.27 26.33 -20.17
CA GLU C 55 16.60 27.01 -21.42
C GLU C 55 18.10 27.09 -21.59
N THR C 56 18.82 27.27 -20.47
CA THR C 56 20.27 27.38 -20.51
C THR C 56 20.93 26.02 -20.74
N ILE C 57 20.26 24.96 -20.30
CA ILE C 57 20.81 23.60 -20.43
C ILE C 57 20.55 23.01 -21.81
N GLY C 58 19.30 23.12 -22.26
CA GLY C 58 18.90 22.53 -23.52
C GLY C 58 18.68 21.04 -23.38
N ALA C 59 18.81 20.31 -24.49
CA ALA C 59 18.59 18.87 -24.50
C ALA C 59 19.50 18.14 -23.53
N PHE C 60 18.93 17.21 -22.77
CA PHE C 60 19.71 16.34 -21.88
C PHE C 60 19.02 14.98 -21.73
N ASP C 61 19.59 14.12 -20.89
CA ASP C 61 19.17 12.72 -20.85
C ASP C 61 18.39 12.36 -19.59
N HIS C 62 18.87 12.78 -18.42
CA HIS C 62 18.26 12.34 -17.17
C HIS C 62 18.11 13.46 -16.14
N LEU C 63 16.88 13.64 -15.67
CA LEU C 63 16.57 14.63 -14.64
C LEU C 63 16.39 13.96 -13.29
N ILE C 64 17.18 14.39 -12.31
CA ILE C 64 17.03 13.92 -10.94
C ILE C 64 16.70 15.09 -10.03
N VAL C 65 15.61 14.97 -9.27
CA VAL C 65 15.20 16.02 -8.36
C VAL C 65 15.29 15.55 -6.92
N THR C 66 16.20 16.15 -6.16
CA THR C 66 16.35 15.85 -4.75
C THR C 66 16.18 17.11 -3.93
N ALA C 67 15.77 18.19 -4.61
CA ALA C 67 15.64 19.50 -3.98
C ALA C 67 14.57 19.48 -2.88
N GLY C 68 14.56 20.52 -2.07
CA GLY C 68 13.61 20.64 -0.97
C GLY C 68 13.86 19.61 0.10
N SER C 69 14.15 20.09 1.31
CA SER C 69 14.45 19.19 2.43
C SER C 69 13.80 19.66 3.74
N TYR C 70 13.52 20.96 3.84
CA TYR C 70 12.94 21.50 5.06
C TYR C 70 11.41 21.45 5.05
N ALA C 71 10.85 21.18 6.22
CA ALA C 71 9.42 21.28 6.46
C ALA C 71 9.17 21.45 7.95
N PRO C 72 8.20 22.29 8.32
CA PRO C 72 7.95 22.52 9.74
C PRO C 72 7.47 21.27 10.45
N ALA C 73 8.16 20.87 11.52
CA ALA C 73 7.77 19.70 12.29
C ALA C 73 6.70 20.08 13.30
N GLY C 74 5.81 19.14 13.62
CA GLY C 74 4.80 19.39 14.63
C GLY C 74 3.44 18.82 14.29
N LYS C 75 2.50 18.95 15.22
CA LYS C 75 1.14 18.45 15.04
C LYS C 75 0.33 19.37 14.14
N VAL C 76 -0.66 18.79 13.47
CA VAL C 76 -1.51 19.55 12.55
C VAL C 76 -2.13 20.77 13.23
N VAL C 77 -2.46 20.61 14.51
CA VAL C 77 -3.13 21.67 15.26
C VAL C 77 -2.20 22.80 15.67
N ASP C 78 -0.89 22.57 15.55
CA ASP C 78 0.10 23.56 15.99
C ASP C 78 0.85 24.20 14.83
N VAL C 79 1.08 23.44 13.77
CA VAL C 79 1.91 23.90 12.66
C VAL C 79 1.30 25.07 11.91
N GLU C 80 2.09 26.11 11.72
CA GLU C 80 1.67 27.30 10.97
C GLU C 80 1.47 26.96 9.51
N VAL C 81 0.21 26.98 9.06
CA VAL C 81 -0.14 26.56 7.71
C VAL C 81 0.67 27.26 6.63
N THR C 82 1.01 28.53 6.85
CA THR C 82 1.78 29.28 5.87
C THR C 82 3.18 28.69 5.68
N GLN C 83 3.73 28.15 6.76
CA GLN C 83 5.04 27.50 6.68
C GLN C 83 4.93 26.15 5.98
N ALA C 84 3.79 25.49 6.17
CA ALA C 84 3.54 24.21 5.52
C ALA C 84 3.48 24.40 4.00
N LYS C 85 2.74 25.42 3.58
CA LYS C 85 2.57 25.71 2.16
C LYS C 85 3.89 26.07 1.49
N TYR C 86 4.78 26.71 2.25
CA TYR C 86 6.10 27.08 1.74
C TYR C 86 6.94 25.82 1.49
N ALA C 87 6.85 24.87 2.40
CA ALA C 87 7.57 23.61 2.26
C ALA C 87 7.04 22.84 1.06
N PHE C 88 5.72 22.87 0.89
CA PHE C 88 5.07 22.24 -0.26
C PHE C 88 5.56 22.89 -1.55
N ASP C 89 5.66 24.21 -1.55
CA ASP C 89 6.07 24.95 -2.74
C ASP C 89 7.41 24.47 -3.28
N THR C 90 8.32 24.10 -2.39
CA THR C 90 9.66 23.70 -2.80
C THR C 90 9.74 22.23 -3.20
N LYS C 91 9.43 21.33 -2.28
CA LYS C 91 9.65 19.90 -2.53
C LYS C 91 8.63 19.29 -3.49
N PHE C 92 7.34 19.58 -3.31
CA PHE C 92 6.33 19.01 -4.21
C PHE C 92 6.21 19.82 -5.49
N TRP C 93 5.77 21.08 -5.37
CA TRP C 93 5.53 21.91 -6.54
C TRP C 93 6.81 22.14 -7.33
N GLY C 94 7.93 22.14 -6.62
CA GLY C 94 9.23 22.26 -7.27
C GLY C 94 9.48 21.12 -8.22
N ALA C 95 9.11 19.90 -7.78
CA ALA C 95 9.28 18.71 -8.60
C ALA C 95 8.32 18.75 -9.80
N VAL C 96 7.13 19.29 -9.56
CA VAL C 96 6.14 19.39 -10.63
C VAL C 96 6.59 20.38 -11.68
N LEU C 97 7.21 21.47 -11.23
CA LEU C 97 7.72 22.49 -12.14
C LEU C 97 8.93 21.98 -12.91
N ALA C 98 9.75 21.16 -12.26
CA ALA C 98 10.94 20.60 -12.89
C ALA C 98 10.56 19.62 -14.00
N ALA C 99 9.52 18.84 -13.76
CA ALA C 99 9.06 17.87 -14.74
C ALA C 99 8.30 18.57 -15.88
N LYS C 100 7.48 19.55 -15.52
CA LYS C 100 6.69 20.28 -16.49
C LYS C 100 7.54 20.94 -17.56
N HIS C 101 8.64 21.56 -17.14
CA HIS C 101 9.46 22.35 -18.06
C HIS C 101 10.71 21.62 -18.52
N GLY C 102 11.10 20.58 -17.79
CA GLY C 102 12.28 19.79 -18.15
C GLY C 102 11.96 18.71 -19.16
N ALA C 103 10.73 18.24 -19.14
CA ALA C 103 10.31 17.10 -19.97
C ALA C 103 10.66 17.29 -21.45
N ARG C 104 10.26 18.41 -22.04
CA ARG C 104 10.42 18.61 -23.47
C ARG C 104 11.87 18.54 -23.93
N TYR C 105 12.81 18.62 -23.00
CA TYR C 105 14.23 18.61 -23.34
C TYR C 105 14.89 17.24 -23.19
N LEU C 106 14.15 16.26 -22.67
CA LEU C 106 14.70 14.92 -22.45
C LEU C 106 14.86 14.15 -23.76
N LYS C 107 16.08 13.70 -24.04
CA LYS C 107 16.36 12.93 -25.25
C LYS C 107 15.71 11.55 -25.16
N GLN C 108 15.64 10.88 -26.31
CA GLN C 108 15.11 9.52 -26.38
C GLN C 108 15.84 8.62 -25.39
N GLY C 109 15.08 7.82 -24.65
CA GLY C 109 15.64 6.92 -23.67
C GLY C 109 15.93 7.63 -22.36
N GLY C 110 15.47 8.87 -22.24
CA GLY C 110 15.70 9.67 -21.05
C GLY C 110 14.79 9.27 -19.91
N SER C 111 14.98 9.88 -18.74
CA SER C 111 14.17 9.56 -17.58
C SER C 111 14.07 10.71 -16.58
N ILE C 112 13.16 10.58 -15.63
CA ILE C 112 13.02 11.52 -14.54
C ILE C 112 12.98 10.73 -13.25
N THR C 113 13.76 11.15 -12.26
CA THR C 113 13.77 10.47 -10.96
C THR C 113 13.56 11.47 -9.84
N LEU C 114 12.42 11.36 -9.17
CA LEU C 114 12.06 12.27 -8.09
C LEU C 114 12.41 11.69 -6.74
N THR C 115 12.23 12.48 -5.70
CA THR C 115 12.52 12.04 -4.33
C THR C 115 11.32 12.27 -3.42
N SER C 116 10.83 11.20 -2.81
CA SER C 116 9.83 11.31 -1.77
C SER C 116 10.47 11.02 -0.41
N GLY C 117 10.09 9.91 0.20
CA GLY C 117 10.62 9.54 1.51
C GLY C 117 9.67 8.61 2.24
N MET C 118 10.23 7.84 3.17
CA MET C 118 9.49 6.81 3.88
C MET C 118 8.25 7.37 4.59
N LEU C 119 8.30 8.64 4.98
CA LEU C 119 7.20 9.23 5.75
C LEU C 119 5.90 9.31 4.95
N SER C 120 5.96 8.96 3.68
CA SER C 120 4.76 8.86 2.87
C SER C 120 3.90 7.71 3.36
N ARG C 121 4.54 6.69 3.91
CA ARG C 121 3.82 5.51 4.41
C ARG C 121 4.10 5.16 5.87
N LYS C 122 5.24 5.57 6.40
CA LYS C 122 5.47 5.36 7.84
C LYS C 122 4.80 6.47 8.62
N VAL C 123 3.77 6.09 9.37
CA VAL C 123 2.94 7.05 10.08
C VAL C 123 3.60 7.49 11.38
N VAL C 124 4.10 8.72 11.38
CA VAL C 124 4.85 9.25 12.52
C VAL C 124 4.26 10.57 12.96
N ALA C 125 3.91 10.68 14.25
CA ALA C 125 3.34 11.90 14.78
C ALA C 125 4.27 13.09 14.53
N ASN C 126 3.68 14.25 14.22
CA ASN C 126 4.43 15.48 14.03
C ASN C 126 5.07 15.61 12.64
N THR C 127 4.64 14.79 11.69
CA THR C 127 5.29 14.75 10.38
C THR C 127 4.33 14.86 9.20
N TYR C 128 3.15 15.43 9.41
CA TYR C 128 2.11 15.42 8.38
C TYR C 128 2.51 16.16 7.11
N VAL C 129 3.27 17.25 7.24
CA VAL C 129 3.69 18.03 6.07
C VAL C 129 4.60 17.19 5.19
N LYS C 130 5.57 16.51 5.80
CA LYS C 130 6.48 15.65 5.05
C LYS C 130 5.77 14.44 4.47
N ALA C 131 4.85 13.87 5.24
CA ALA C 131 4.08 12.72 4.78
C ALA C 131 3.19 13.11 3.61
N ALA C 132 2.52 14.25 3.74
CA ALA C 132 1.64 14.74 2.69
C ALA C 132 2.42 14.99 1.41
N ILE C 133 3.55 15.67 1.52
CA ILE C 133 4.38 15.98 0.37
C ILE C 133 4.85 14.70 -0.34
N ASN C 134 5.35 13.76 0.44
CA ASN C 134 5.88 12.51 -0.10
C ASN C 134 4.80 11.65 -0.75
N ALA C 135 3.62 11.63 -0.14
CA ALA C 135 2.48 10.90 -0.70
C ALA C 135 2.08 11.55 -2.03
N ALA C 136 2.16 12.87 -2.08
CA ALA C 136 1.83 13.62 -3.29
C ALA C 136 2.85 13.36 -4.39
N ILE C 137 4.13 13.33 -4.02
CA ILE C 137 5.19 13.07 -4.98
C ILE C 137 4.99 11.72 -5.65
N GLU C 138 4.68 10.70 -4.85
CA GLU C 138 4.60 9.33 -5.33
C GLU C 138 3.39 9.09 -6.23
N ALA C 139 2.28 9.74 -5.92
CA ALA C 139 1.10 9.66 -6.76
C ALA C 139 1.35 10.38 -8.09
N THR C 140 2.08 11.49 -8.00
CA THR C 140 2.39 12.30 -9.18
C THR C 140 3.44 11.60 -10.06
N THR C 141 4.35 10.88 -9.42
CA THR C 141 5.36 10.12 -10.15
C THR C 141 4.70 9.17 -11.13
N LYS C 142 3.66 8.49 -10.67
CA LYS C 142 3.02 7.44 -11.44
C LYS C 142 2.14 7.99 -12.57
N VAL C 143 1.45 9.09 -12.31
CA VAL C 143 0.70 9.77 -13.36
C VAL C 143 1.66 10.27 -14.43
N LEU C 144 2.77 10.88 -13.99
CA LEU C 144 3.82 11.32 -14.91
C LEU C 144 4.33 10.16 -15.76
N ALA C 145 4.69 9.07 -15.08
CA ALA C 145 5.22 7.89 -15.76
C ALA C 145 4.29 7.44 -16.88
N LYS C 146 3.00 7.68 -16.68
CA LYS C 146 1.98 7.25 -17.63
C LYS C 146 1.81 8.25 -18.76
N GLU C 147 1.89 9.54 -18.43
CA GLU C 147 1.70 10.60 -19.42
C GLU C 147 2.94 10.82 -20.28
N LEU C 148 4.11 10.49 -19.76
CA LEU C 148 5.36 10.81 -20.43
C LEU C 148 5.97 9.67 -21.21
N ALA C 149 5.47 8.45 -21.01
CA ALA C 149 5.98 7.29 -21.75
C ALA C 149 6.23 7.70 -23.20
N PRO C 150 7.33 7.21 -23.80
CA PRO C 150 8.29 6.25 -23.22
C PRO C 150 9.34 6.87 -22.29
N ILE C 151 9.28 8.16 -22.00
CA ILE C 151 10.13 8.72 -20.96
C ILE C 151 9.78 7.99 -19.67
N ARG C 152 10.80 7.55 -18.94
CA ARG C 152 10.57 6.82 -17.71
C ARG C 152 10.56 7.75 -16.51
N VAL C 153 9.63 7.52 -15.59
CA VAL C 153 9.55 8.32 -14.37
C VAL C 153 9.44 7.42 -13.15
N ASN C 154 10.34 7.63 -12.20
CA ASN C 154 10.36 6.86 -10.96
C ASN C 154 10.67 7.78 -9.79
N ALA C 155 10.57 7.25 -8.58
CA ALA C 155 10.89 8.04 -7.39
C ALA C 155 11.66 7.20 -6.38
N ILE C 156 12.71 7.79 -5.81
CA ILE C 156 13.43 7.15 -4.73
C ILE C 156 12.83 7.62 -3.41
N SER C 157 12.68 6.70 -2.47
CA SER C 157 12.10 7.03 -1.17
C SER C 157 13.09 6.66 -0.06
N PRO C 158 13.94 7.63 0.32
CA PRO C 158 14.97 7.38 1.33
C PRO C 158 14.42 7.37 2.75
N GLY C 159 15.10 6.64 3.64
CA GLY C 159 14.87 6.77 5.06
C GLY C 159 15.93 7.71 5.60
N LEU C 160 16.14 7.68 6.91
CA LEU C 160 17.16 8.53 7.53
C LEU C 160 18.52 8.26 6.90
N THR C 161 19.23 9.33 6.54
CA THR C 161 20.55 9.21 5.94
C THR C 161 21.54 10.13 6.67
N LYS C 162 22.79 9.70 6.74
CA LYS C 162 23.84 10.50 7.37
C LYS C 162 24.29 11.63 6.45
N ARG C 174 23.27 14.62 18.61
CA ARG C 174 23.49 14.33 17.19
C ARG C 174 23.97 12.90 16.99
N ASP C 175 25.19 12.62 17.46
CA ASP C 175 25.76 11.28 17.34
C ASP C 175 24.89 10.27 18.08
N ALA C 176 24.27 10.72 19.17
CA ALA C 176 23.41 9.86 19.98
C ALA C 176 22.08 9.62 19.28
N MET C 177 21.67 10.56 18.44
CA MET C 177 20.44 10.40 17.67
C MET C 177 20.63 9.33 16.61
N TYR C 178 21.85 9.26 16.06
CA TYR C 178 22.18 8.22 15.09
C TYR C 178 22.22 6.86 15.77
N GLN C 179 22.79 6.81 16.98
CA GLN C 179 22.85 5.56 17.72
C GLN C 179 21.43 5.10 18.10
N ARG C 180 20.58 6.04 18.44
CA ARG C 180 19.20 5.75 18.79
C ARG C 180 18.47 5.10 17.62
N THR C 181 18.72 5.62 16.42
CA THR C 181 18.09 5.11 15.21
C THR C 181 18.66 3.74 14.83
N GLN C 182 19.96 3.70 14.56
CA GLN C 182 20.64 2.45 14.20
C GLN C 182 20.11 1.27 14.99
N SER C 183 19.93 1.47 16.29
CA SER C 183 19.50 0.40 17.18
C SER C 183 18.12 -0.15 16.78
N HIS C 184 17.28 0.72 16.23
CA HIS C 184 15.92 0.34 15.89
C HIS C 184 15.79 -0.12 14.43
N LEU C 185 16.77 0.19 13.60
CA LEU C 185 16.73 -0.21 12.20
C LEU C 185 17.26 -1.64 12.02
N PRO C 186 16.49 -2.49 11.33
CA PRO C 186 16.90 -3.87 11.04
C PRO C 186 18.32 -4.01 10.49
N VAL C 187 18.75 -3.08 9.65
CA VAL C 187 20.09 -3.17 9.04
C VAL C 187 21.19 -2.87 10.05
N GLY C 188 20.84 -2.16 11.12
CA GLY C 188 21.78 -1.91 12.20
C GLY C 188 22.63 -0.67 12.01
N LYS C 189 22.45 0.02 10.89
CA LYS C 189 23.19 1.24 10.60
C LYS C 189 22.27 2.32 10.04
N VAL C 190 22.76 3.55 10.02
CA VAL C 190 22.03 4.65 9.42
C VAL C 190 22.47 4.78 7.97
N GLY C 191 21.60 5.36 7.14
CA GLY C 191 21.87 5.48 5.72
C GLY C 191 23.13 6.25 5.40
N GLU C 192 23.91 5.73 4.47
CA GLU C 192 25.03 6.46 3.90
C GLU C 192 24.55 7.11 2.62
N ALA C 193 25.05 8.31 2.33
CA ALA C 193 24.58 9.07 1.18
C ALA C 193 24.70 8.27 -0.10
N SER C 194 25.74 7.44 -0.19
CA SER C 194 25.99 6.67 -1.40
C SER C 194 25.06 5.47 -1.51
N ASP C 195 24.56 5.00 -0.37
CA ASP C 195 23.56 3.93 -0.39
C ASP C 195 22.31 4.42 -1.11
N ILE C 196 21.94 5.66 -0.85
CA ILE C 196 20.77 6.28 -1.46
C ILE C 196 21.01 6.60 -2.93
N ALA C 197 22.20 7.10 -3.23
CA ALA C 197 22.55 7.47 -4.60
C ALA C 197 22.58 6.26 -5.52
N MET C 198 22.89 5.10 -4.95
CA MET C 198 22.93 3.86 -5.73
C MET C 198 21.56 3.56 -6.31
N ALA C 199 20.52 3.94 -5.57
CA ALA C 199 19.14 3.70 -6.00
C ALA C 199 18.80 4.56 -7.21
N TYR C 200 19.30 5.79 -7.22
CA TYR C 200 19.08 6.70 -8.34
C TYR C 200 19.74 6.12 -9.59
N LEU C 201 20.99 5.67 -9.43
CA LEU C 201 21.74 5.09 -10.54
C LEU C 201 21.01 3.89 -11.12
N PHE C 202 20.30 3.16 -10.27
CA PHE C 202 19.55 1.98 -10.69
C PHE C 202 18.31 2.37 -11.50
N ALA C 203 17.62 3.42 -11.04
CA ALA C 203 16.46 3.92 -11.76
C ALA C 203 16.86 4.50 -13.11
N ILE C 204 18.03 5.12 -13.16
CA ILE C 204 18.53 5.73 -14.38
C ILE C 204 18.96 4.69 -15.42
N GLN C 205 19.55 3.60 -14.94
CA GLN C 205 20.13 2.59 -15.84
C GLN C 205 19.15 1.49 -16.23
N ASN C 206 18.04 1.36 -15.51
CA ASN C 206 17.08 0.30 -15.78
C ASN C 206 15.98 0.77 -16.73
N SER C 207 16.11 0.38 -18.00
CA SER C 207 15.19 0.83 -19.04
C SER C 207 13.84 0.13 -18.99
N TYR C 208 13.67 -0.79 -18.04
CA TYR C 208 12.41 -1.52 -17.92
C TYR C 208 11.63 -1.08 -16.68
N MET C 209 12.09 -0.01 -16.05
CA MET C 209 11.48 0.45 -14.81
C MET C 209 10.88 1.85 -14.98
N THR C 210 9.57 1.94 -14.76
CA THR C 210 8.88 3.23 -14.82
C THR C 210 7.61 3.16 -13.98
N GLY C 211 7.29 4.25 -13.30
CA GLY C 211 6.11 4.29 -12.45
C GLY C 211 6.34 3.68 -11.08
N THR C 212 7.61 3.41 -10.75
CA THR C 212 7.93 2.71 -9.50
C THR C 212 8.49 3.65 -8.43
N VAL C 213 8.31 3.25 -7.18
CA VAL C 213 8.89 3.96 -6.04
C VAL C 213 9.85 3.03 -5.32
N ILE C 214 11.12 3.44 -5.23
CA ILE C 214 12.15 2.58 -4.67
C ILE C 214 12.46 2.93 -3.22
N ASP C 215 12.15 2.02 -2.31
CA ASP C 215 12.43 2.23 -0.90
C ASP C 215 13.85 1.84 -0.52
N VAL C 216 14.56 2.77 0.11
CA VAL C 216 15.87 2.49 0.67
C VAL C 216 15.92 3.13 2.05
N ASP C 217 15.45 2.40 3.05
CA ASP C 217 15.18 2.98 4.36
C ASP C 217 15.72 2.14 5.52
N GLY C 218 16.59 1.18 5.21
CA GLY C 218 17.17 0.34 6.24
C GLY C 218 16.14 -0.43 7.04
N GLY C 219 14.93 -0.57 6.49
CA GLY C 219 13.89 -1.37 7.11
C GLY C 219 12.99 -0.61 8.06
N ALA C 220 13.06 0.72 8.01
CA ALA C 220 12.29 1.56 8.91
C ALA C 220 10.78 1.38 8.71
N LEU C 221 10.38 1.04 7.49
CA LEU C 221 8.97 0.85 7.16
C LEU C 221 8.39 -0.41 7.80
N LEU C 222 9.26 -1.26 8.34
CA LEU C 222 8.85 -2.49 8.99
C LEU C 222 8.34 -2.21 10.41
N GLY C 223 8.63 -1.02 10.91
CA GLY C 223 8.19 -0.63 12.24
C GLY C 223 9.17 -1.07 13.31
N ASP D 5 37.34 -15.69 1.54
CA ASP D 5 37.33 -16.50 0.33
C ASP D 5 36.61 -15.77 -0.80
N LYS D 6 35.84 -16.52 -1.60
CA LYS D 6 35.03 -15.93 -2.65
C LYS D 6 33.62 -15.68 -2.14
N THR D 7 32.91 -14.74 -2.75
CA THR D 7 31.53 -14.49 -2.41
C THR D 7 30.67 -15.55 -3.08
N VAL D 8 29.85 -16.24 -2.28
CA VAL D 8 29.10 -17.39 -2.77
C VAL D 8 27.62 -17.08 -2.93
N TYR D 9 27.11 -17.32 -4.14
CA TYR D 9 25.71 -17.07 -4.44
C TYR D 9 24.97 -18.37 -4.67
N VAL D 10 23.70 -18.42 -4.24
CA VAL D 10 22.83 -19.54 -4.53
C VAL D 10 21.57 -19.04 -5.23
N VAL D 11 21.38 -19.50 -6.46
CA VAL D 11 20.24 -19.07 -7.27
C VAL D 11 19.32 -20.26 -7.55
N LEU D 12 18.26 -20.37 -6.75
CA LEU D 12 17.31 -21.47 -6.91
C LEU D 12 16.30 -21.10 -8.00
N GLY D 13 16.22 -21.95 -9.02
CA GLY D 13 15.47 -21.62 -10.22
C GLY D 13 16.40 -20.97 -11.24
N GLY D 14 17.69 -21.03 -10.96
CA GLY D 14 18.68 -20.33 -11.76
C GLY D 14 19.30 -21.14 -12.88
N THR D 15 18.58 -22.15 -13.36
CA THR D 15 19.04 -22.95 -14.48
C THR D 15 18.49 -22.42 -15.79
N SER D 16 17.43 -21.62 -15.71
CA SER D 16 16.81 -21.03 -16.89
C SER D 16 16.06 -19.75 -16.55
N GLY D 17 15.62 -19.03 -17.57
CA GLY D 17 14.89 -17.79 -17.38
C GLY D 17 15.72 -16.72 -16.71
N ILE D 18 15.07 -15.93 -15.86
CA ILE D 18 15.75 -14.85 -15.16
C ILE D 18 16.92 -15.41 -14.36
N GLY D 19 16.67 -16.53 -13.70
CA GLY D 19 17.65 -17.16 -12.84
C GLY D 19 18.97 -17.41 -13.55
N ALA D 20 18.91 -17.95 -14.76
CA ALA D 20 20.10 -18.23 -15.53
C ALA D 20 20.81 -16.94 -15.92
N GLU D 21 20.04 -15.96 -16.37
CA GLU D 21 20.60 -14.66 -16.77
C GLU D 21 21.33 -14.01 -15.60
N LEU D 22 20.74 -14.08 -14.42
CA LEU D 22 21.34 -13.52 -13.21
C LEU D 22 22.63 -14.26 -12.86
N ALA D 23 22.60 -15.58 -12.99
CA ALA D 23 23.77 -16.41 -12.70
C ALA D 23 24.94 -15.99 -13.56
N LYS D 24 24.67 -15.74 -14.85
CA LYS D 24 25.71 -15.35 -15.79
C LYS D 24 26.36 -14.03 -15.38
N GLN D 25 25.54 -13.05 -15.01
CA GLN D 25 26.05 -11.75 -14.61
C GLN D 25 26.80 -11.81 -13.27
N LEU D 26 26.59 -12.89 -12.53
CA LEU D 26 27.22 -13.05 -11.23
C LEU D 26 28.55 -13.79 -11.32
N GLU D 27 28.72 -14.58 -12.39
CA GLU D 27 29.95 -15.33 -12.58
C GLU D 27 31.15 -14.41 -12.78
N SER D 28 32.14 -14.56 -11.91
CA SER D 28 33.39 -13.82 -12.00
C SER D 28 34.50 -14.66 -11.40
N GLU D 29 35.72 -14.15 -11.41
CA GLU D 29 36.86 -14.87 -10.85
C GLU D 29 36.83 -14.81 -9.32
N HIS D 30 36.05 -13.87 -8.77
CA HIS D 30 36.01 -13.64 -7.34
C HIS D 30 34.71 -14.13 -6.72
N THR D 31 33.95 -14.94 -7.45
CA THR D 31 32.66 -15.42 -6.95
C THR D 31 32.39 -16.88 -7.31
N ILE D 32 31.56 -17.52 -6.51
CA ILE D 32 31.05 -18.85 -6.83
C ILE D 32 29.53 -18.80 -6.89
N VAL D 33 28.97 -19.27 -8.00
CA VAL D 33 27.54 -19.18 -8.24
C VAL D 33 26.93 -20.57 -8.41
N HIS D 34 26.19 -21.02 -7.39
CA HIS D 34 25.47 -22.27 -7.49
C HIS D 34 24.08 -22.03 -8.06
N VAL D 35 23.68 -22.85 -9.03
CA VAL D 35 22.32 -22.83 -9.54
C VAL D 35 21.69 -24.18 -9.34
N ALA D 36 20.39 -24.20 -9.06
CA ALA D 36 19.69 -25.45 -8.83
C ALA D 36 18.21 -25.34 -9.18
N SER D 37 17.63 -26.48 -9.50
CA SER D 37 16.24 -26.55 -9.95
C SER D 37 15.82 -28.01 -10.08
N ARG D 38 14.62 -28.23 -10.60
CA ARG D 38 14.16 -29.60 -10.88
C ARG D 38 15.15 -30.30 -11.81
N GLN D 39 15.77 -29.52 -12.69
CA GLN D 39 16.71 -30.05 -13.65
C GLN D 39 17.95 -30.64 -12.98
N THR D 40 18.33 -30.07 -11.83
CA THR D 40 19.56 -30.49 -11.15
C THR D 40 19.30 -31.36 -9.93
N GLY D 41 18.05 -31.78 -9.74
CA GLY D 41 17.70 -32.70 -8.68
C GLY D 41 17.24 -32.04 -7.39
N LEU D 42 16.92 -30.76 -7.45
CA LEU D 42 16.32 -30.07 -6.31
C LEU D 42 14.83 -29.86 -6.53
N ASP D 43 14.03 -30.42 -5.64
CA ASP D 43 12.59 -30.14 -5.60
C ASP D 43 12.34 -29.12 -4.50
N ILE D 44 12.27 -27.85 -4.87
CA ILE D 44 12.18 -26.78 -3.90
C ILE D 44 10.93 -26.87 -3.04
N SER D 45 9.94 -27.64 -3.51
CA SER D 45 8.69 -27.80 -2.77
C SER D 45 8.78 -28.93 -1.74
N ASP D 46 9.86 -29.71 -1.81
CA ASP D 46 10.07 -30.81 -0.87
C ASP D 46 11.11 -30.43 0.19
N GLU D 47 10.68 -30.39 1.45
CA GLU D 47 11.52 -29.89 2.52
C GLU D 47 12.83 -30.67 2.69
N LYS D 48 12.77 -31.99 2.62
CA LYS D 48 13.95 -32.81 2.83
C LYS D 48 14.97 -32.62 1.70
N SER D 49 14.48 -32.36 0.50
CA SER D 49 15.33 -32.07 -0.64
C SER D 49 16.01 -30.71 -0.46
N VAL D 50 15.24 -29.74 0.03
CA VAL D 50 15.76 -28.40 0.27
C VAL D 50 16.82 -28.41 1.35
N TYR D 51 16.54 -29.15 2.43
CA TYR D 51 17.50 -29.28 3.52
C TYR D 51 18.78 -29.93 3.01
N HIS D 52 18.62 -31.00 2.22
CA HIS D 52 19.76 -31.70 1.64
C HIS D 52 20.64 -30.74 0.85
N TYR D 53 20.02 -29.96 -0.03
CA TYR D 53 20.76 -29.07 -0.92
C TYR D 53 21.69 -28.12 -0.15
N PHE D 54 21.15 -27.44 0.84
CA PHE D 54 21.90 -26.46 1.61
C PHE D 54 22.95 -27.11 2.49
N GLU D 55 22.77 -28.38 2.83
CA GLU D 55 23.79 -29.14 3.53
C GLU D 55 25.01 -29.34 2.63
N THR D 56 24.76 -29.50 1.33
CA THR D 56 25.84 -29.74 0.38
C THR D 56 26.53 -28.44 -0.04
N ILE D 57 25.90 -27.31 0.26
CA ILE D 57 26.46 -26.01 -0.13
C ILE D 57 27.29 -25.39 1.00
N GLY D 58 26.76 -25.46 2.22
CA GLY D 58 27.41 -24.85 3.36
C GLY D 58 27.29 -23.34 3.35
N ALA D 59 28.20 -22.67 4.06
CA ALA D 59 28.16 -21.23 4.21
C ALA D 59 28.25 -20.49 2.88
N PHE D 60 27.31 -19.57 2.66
CA PHE D 60 27.36 -18.70 1.48
C PHE D 60 26.86 -17.29 1.85
N ASP D 61 26.81 -16.40 0.87
CA ASP D 61 26.55 -14.99 1.13
C ASP D 61 25.13 -14.57 0.75
N HIS D 62 24.73 -14.87 -0.48
CA HIS D 62 23.46 -14.34 -1.00
C HIS D 62 22.58 -15.43 -1.61
N LEU D 63 21.33 -15.47 -1.16
CA LEU D 63 20.35 -16.44 -1.64
C LEU D 63 19.31 -15.77 -2.53
N ILE D 64 19.15 -16.27 -3.75
CA ILE D 64 18.12 -15.78 -4.66
C ILE D 64 17.16 -16.91 -5.05
N VAL D 65 15.87 -16.65 -4.91
CA VAL D 65 14.84 -17.60 -5.30
C VAL D 65 14.02 -17.07 -6.46
N THR D 66 14.05 -17.77 -7.59
CA THR D 66 13.26 -17.37 -8.76
C THR D 66 12.34 -18.50 -9.24
N ALA D 67 12.49 -19.68 -8.65
CA ALA D 67 11.72 -20.84 -9.05
C ALA D 67 10.21 -20.61 -8.92
N GLY D 68 9.44 -21.34 -9.73
CA GLY D 68 8.00 -21.31 -9.66
C GLY D 68 7.36 -20.47 -10.76
N SER D 69 7.13 -21.09 -11.91
CA SER D 69 6.60 -20.38 -13.07
C SER D 69 5.16 -20.77 -13.41
N TYR D 70 4.75 -21.99 -13.04
CA TYR D 70 3.42 -22.49 -13.41
C TYR D 70 2.35 -22.14 -12.38
N ALA D 71 1.12 -22.02 -12.86
CA ALA D 71 -0.06 -21.88 -12.02
C ALA D 71 -1.29 -22.03 -12.90
N PRO D 72 -2.33 -22.72 -12.39
CA PRO D 72 -3.55 -22.87 -13.18
C PRO D 72 -4.26 -21.53 -13.34
N ALA D 73 -4.72 -21.22 -14.55
CA ALA D 73 -5.37 -19.95 -14.82
C ALA D 73 -6.87 -20.14 -15.00
N GLY D 74 -7.63 -19.09 -14.68
CA GLY D 74 -9.07 -19.14 -14.75
C GLY D 74 -9.70 -18.56 -13.50
N LYS D 75 -11.02 -18.42 -13.50
CA LYS D 75 -11.74 -17.83 -12.38
C LYS D 75 -11.68 -18.73 -11.16
N VAL D 76 -11.84 -18.14 -9.98
CA VAL D 76 -11.82 -18.88 -8.73
C VAL D 76 -12.87 -19.99 -8.73
N VAL D 77 -14.02 -19.70 -9.34
CA VAL D 77 -15.11 -20.66 -9.38
C VAL D 77 -14.84 -21.86 -10.29
N ASP D 78 -13.88 -21.70 -11.21
CA ASP D 78 -13.60 -22.74 -12.20
C ASP D 78 -12.31 -23.50 -11.90
N VAL D 79 -11.28 -22.79 -11.44
CA VAL D 79 -9.95 -23.38 -11.27
C VAL D 79 -9.94 -24.51 -10.25
N GLU D 80 -9.25 -25.60 -10.60
CA GLU D 80 -9.13 -26.76 -9.72
C GLU D 80 -8.21 -26.44 -8.54
N VAL D 81 -8.72 -26.64 -7.33
CA VAL D 81 -7.98 -26.28 -6.12
C VAL D 81 -6.72 -27.11 -5.91
N THR D 82 -6.72 -28.34 -6.40
CA THR D 82 -5.55 -29.22 -6.27
C THR D 82 -4.38 -28.66 -7.07
N GLN D 83 -4.65 -28.16 -8.26
CA GLN D 83 -3.62 -27.57 -9.10
C GLN D 83 -3.13 -26.26 -8.48
N ALA D 84 -4.08 -25.50 -7.92
CA ALA D 84 -3.75 -24.24 -7.25
C ALA D 84 -2.79 -24.48 -6.09
N LYS D 85 -3.11 -25.47 -5.26
CA LYS D 85 -2.27 -25.82 -4.12
C LYS D 85 -0.89 -26.29 -4.58
N TYR D 86 -0.84 -26.98 -5.71
CA TYR D 86 0.41 -27.46 -6.27
C TYR D 86 1.26 -26.28 -6.74
N ALA D 87 0.58 -25.25 -7.23
CA ALA D 87 1.25 -24.01 -7.59
C ALA D 87 1.83 -23.36 -6.33
N PHE D 88 1.02 -23.29 -5.29
CA PHE D 88 1.45 -22.72 -4.02
C PHE D 88 2.64 -23.48 -3.45
N ASP D 89 2.61 -24.80 -3.58
CA ASP D 89 3.65 -25.65 -3.02
C ASP D 89 5.04 -25.32 -3.56
N THR D 90 5.10 -24.89 -4.82
CA THR D 90 6.38 -24.62 -5.45
C THR D 90 6.86 -23.18 -5.24
N LYS D 91 6.03 -22.21 -5.62
CA LYS D 91 6.47 -20.82 -5.59
C LYS D 91 6.44 -20.18 -4.20
N PHE D 92 5.38 -20.42 -3.43
CA PHE D 92 5.32 -19.85 -2.09
C PHE D 92 6.12 -20.69 -1.10
N TRP D 93 5.64 -21.90 -0.83
CA TRP D 93 6.25 -22.75 0.19
C TRP D 93 7.70 -23.08 -0.16
N GLY D 94 8.00 -23.11 -1.46
CA GLY D 94 9.37 -23.28 -1.90
C GLY D 94 10.26 -22.18 -1.35
N ALA D 95 9.79 -20.95 -1.47
CA ALA D 95 10.52 -19.79 -0.94
C ALA D 95 10.66 -19.88 0.58
N VAL D 96 9.56 -20.24 1.25
CA VAL D 96 9.55 -20.37 2.70
C VAL D 96 10.56 -21.40 3.16
N LEU D 97 10.57 -22.57 2.52
CA LEU D 97 11.51 -23.63 2.85
C LEU D 97 12.95 -23.18 2.59
N ALA D 98 13.17 -22.52 1.46
CA ALA D 98 14.50 -22.02 1.10
C ALA D 98 15.03 -21.10 2.18
N ALA D 99 14.21 -20.13 2.58
CA ALA D 99 14.59 -19.20 3.63
C ALA D 99 14.79 -19.93 4.96
N LYS D 100 13.88 -20.85 5.26
CA LYS D 100 13.92 -21.57 6.53
C LYS D 100 15.24 -22.30 6.73
N HIS D 101 15.71 -22.99 5.70
CA HIS D 101 16.88 -23.87 5.83
C HIS D 101 18.16 -23.24 5.27
N GLY D 102 18.02 -22.21 4.45
CA GLY D 102 19.17 -21.52 3.91
C GLY D 102 19.73 -20.48 4.85
N ALA D 103 18.83 -19.87 5.63
CA ALA D 103 19.17 -18.71 6.46
C ALA D 103 20.38 -18.93 7.37
N ARG D 104 20.44 -20.08 8.04
CA ARG D 104 21.49 -20.32 9.03
C ARG D 104 22.88 -20.40 8.41
N TYR D 105 22.95 -20.41 7.09
CA TYR D 105 24.24 -20.55 6.40
C TYR D 105 24.73 -19.23 5.82
N LEU D 106 23.91 -18.19 5.88
CA LEU D 106 24.28 -16.89 5.33
C LEU D 106 25.36 -16.23 6.18
N LYS D 107 26.44 -15.82 5.51
CA LYS D 107 27.54 -15.14 6.19
C LYS D 107 27.17 -13.69 6.49
N GLN D 108 27.92 -13.07 7.37
CA GLN D 108 27.71 -11.66 7.72
C GLN D 108 27.65 -10.82 6.45
N GLY D 109 26.69 -9.89 6.41
CA GLY D 109 26.51 -9.05 5.24
C GLY D 109 25.70 -9.75 4.15
N GLY D 110 25.14 -10.91 4.49
CA GLY D 110 24.39 -11.71 3.54
C GLY D 110 22.99 -11.19 3.26
N SER D 111 22.32 -11.78 2.28
CA SER D 111 20.97 -11.35 1.92
C SER D 111 20.13 -12.48 1.32
N ILE D 112 18.82 -12.26 1.30
CA ILE D 112 17.89 -13.16 0.63
C ILE D 112 17.02 -12.33 -0.30
N THR D 113 16.98 -12.69 -1.58
CA THR D 113 16.13 -11.98 -2.53
C THR D 113 15.10 -12.92 -3.13
N LEU D 114 13.85 -12.74 -2.74
CA LEU D 114 12.77 -13.58 -3.23
C LEU D 114 12.14 -12.95 -4.47
N THR D 115 11.19 -13.66 -5.06
CA THR D 115 10.53 -13.22 -6.28
C THR D 115 9.02 -13.32 -6.19
N SER D 116 8.35 -12.18 -6.29
CA SER D 116 6.89 -12.16 -6.33
C SER D 116 6.44 -11.85 -7.75
N GLY D 117 5.70 -10.76 -7.93
CA GLY D 117 5.22 -10.38 -9.25
C GLY D 117 4.12 -9.34 -9.19
N MET D 118 4.02 -8.53 -10.24
CA MET D 118 3.06 -7.44 -10.29
C MET D 118 1.63 -7.87 -9.95
N LEU D 119 1.31 -9.12 -10.23
CA LEU D 119 -0.06 -9.60 -10.04
C LEU D 119 -0.48 -9.57 -8.58
N SER D 120 0.48 -9.36 -7.68
CA SER D 120 0.19 -9.19 -6.27
C SER D 120 -0.69 -7.96 -6.07
N ARG D 121 -0.54 -6.97 -6.94
CA ARG D 121 -1.24 -5.70 -6.79
C ARG D 121 -2.02 -5.27 -8.03
N LYS D 122 -1.67 -5.78 -9.20
CA LYS D 122 -2.47 -5.50 -10.40
C LYS D 122 -3.58 -6.55 -10.50
N VAL D 123 -4.82 -6.10 -10.35
CA VAL D 123 -5.95 -7.01 -10.36
C VAL D 123 -6.31 -7.44 -11.78
N VAL D 124 -6.06 -8.70 -12.10
CA VAL D 124 -6.36 -9.24 -13.41
C VAL D 124 -7.18 -10.53 -13.28
N ALA D 125 -8.32 -10.59 -13.95
CA ALA D 125 -9.16 -11.78 -13.91
C ALA D 125 -8.36 -12.99 -14.35
N ASN D 126 -8.69 -14.16 -13.78
CA ASN D 126 -8.05 -15.43 -14.13
C ASN D 126 -6.76 -15.71 -13.35
N THR D 127 -6.29 -14.74 -12.56
CA THR D 127 -4.95 -14.85 -11.98
C THR D 127 -4.93 -14.85 -10.45
N TYR D 128 -5.98 -15.36 -9.81
CA TYR D 128 -6.05 -15.32 -8.35
C TYR D 128 -4.94 -16.14 -7.68
N VAL D 129 -4.54 -17.24 -8.31
CA VAL D 129 -3.51 -18.11 -7.73
C VAL D 129 -2.15 -17.40 -7.70
N LYS D 130 -1.79 -16.78 -8.82
CA LYS D 130 -0.53 -16.06 -8.93
C LYS D 130 -0.54 -14.83 -8.03
N ALA D 131 -1.68 -14.15 -8.00
CA ALA D 131 -1.85 -12.96 -7.17
C ALA D 131 -1.75 -13.31 -5.69
N ALA D 132 -2.40 -14.40 -5.29
CA ALA D 132 -2.39 -14.84 -3.91
C ALA D 132 -0.98 -15.25 -3.49
N ILE D 133 -0.32 -16.02 -4.34
CA ILE D 133 1.06 -16.44 -4.09
C ILE D 133 1.96 -15.24 -3.88
N ASN D 134 1.92 -14.31 -4.84
CA ASN D 134 2.80 -13.15 -4.82
C ASN D 134 2.55 -12.22 -3.62
N ALA D 135 1.28 -12.06 -3.26
CA ALA D 135 0.92 -11.26 -2.10
C ALA D 135 1.47 -11.88 -0.83
N ALA D 136 1.38 -13.21 -0.75
CA ALA D 136 1.89 -13.95 0.40
C ALA D 136 3.40 -13.83 0.49
N ILE D 137 4.07 -13.94 -0.65
CA ILE D 137 5.53 -13.83 -0.71
C ILE D 137 6.00 -12.47 -0.20
N GLU D 138 5.28 -11.41 -0.58
CA GLU D 138 5.66 -10.06 -0.22
C GLU D 138 5.44 -9.77 1.27
N ALA D 139 4.40 -10.38 1.84
CA ALA D 139 4.16 -10.26 3.27
C ALA D 139 5.21 -11.03 4.05
N THR D 140 5.55 -12.21 3.55
CA THR D 140 6.53 -13.07 4.21
C THR D 140 7.93 -12.47 4.11
N THR D 141 8.21 -11.82 2.99
CA THR D 141 9.47 -11.14 2.78
C THR D 141 9.75 -10.13 3.89
N LYS D 142 8.73 -9.35 4.23
CA LYS D 142 8.87 -8.28 5.21
C LYS D 142 8.97 -8.80 6.63
N VAL D 143 8.26 -9.88 6.94
CA VAL D 143 8.39 -10.52 8.25
C VAL D 143 9.79 -11.10 8.39
N LEU D 144 10.30 -11.70 7.31
CA LEU D 144 11.64 -12.27 7.31
C LEU D 144 12.69 -11.19 7.50
N ALA D 145 12.52 -10.08 6.79
CA ALA D 145 13.46 -8.96 6.89
C ALA D 145 13.58 -8.51 8.34
N LYS D 146 12.48 -8.65 9.08
CA LYS D 146 12.42 -8.22 10.47
C LYS D 146 13.02 -9.28 11.40
N GLU D 147 12.64 -10.53 11.19
CA GLU D 147 13.09 -11.62 12.05
C GLU D 147 14.58 -11.92 11.85
N LEU D 148 15.05 -11.80 10.61
CA LEU D 148 16.41 -12.24 10.27
C LEU D 148 17.45 -11.14 10.35
N ALA D 149 17.01 -9.89 10.53
CA ALA D 149 17.95 -8.77 10.63
C ALA D 149 19.13 -9.19 11.50
N PRO D 150 20.35 -8.74 11.13
CA PRO D 150 20.70 -7.80 10.07
C PRO D 150 20.82 -8.42 8.67
N ILE D 151 20.49 -9.70 8.54
CA ILE D 151 20.40 -10.30 7.21
C ILE D 151 19.30 -9.57 6.45
N ARG D 152 19.62 -9.09 5.26
CA ARG D 152 18.66 -8.33 4.48
C ARG D 152 17.78 -9.26 3.65
N VAL D 153 16.48 -8.93 3.58
CA VAL D 153 15.54 -9.71 2.81
C VAL D 153 14.67 -8.79 1.96
N ASN D 154 14.69 -9.01 0.65
CA ASN D 154 13.91 -8.20 -0.27
C ASN D 154 13.25 -9.07 -1.33
N ALA D 155 12.31 -8.50 -2.07
CA ALA D 155 11.65 -9.20 -3.16
C ALA D 155 11.70 -8.40 -4.45
N ILE D 156 11.93 -9.09 -5.56
CA ILE D 156 11.81 -8.47 -6.87
C ILE D 156 10.45 -8.82 -7.44
N SER D 157 9.80 -7.84 -8.06
CA SER D 157 8.44 -8.02 -8.57
C SER D 157 8.38 -7.69 -10.06
N PRO D 158 8.60 -8.70 -10.92
CA PRO D 158 8.60 -8.55 -12.37
C PRO D 158 7.21 -8.30 -12.95
N GLY D 159 7.16 -7.73 -14.15
CA GLY D 159 5.90 -7.47 -14.82
C GLY D 159 5.63 -8.47 -15.92
N GLU D 192 13.06 -7.40 -20.93
CA GLU D 192 14.34 -8.08 -21.10
C GLU D 192 14.81 -8.69 -19.79
N ALA D 193 15.36 -9.90 -19.88
CA ALA D 193 15.81 -10.63 -18.71
C ALA D 193 16.92 -9.88 -17.97
N SER D 194 17.73 -9.13 -18.71
CA SER D 194 18.86 -8.41 -18.13
C SER D 194 18.39 -7.26 -17.23
N ASP D 195 17.28 -6.63 -17.60
CA ASP D 195 16.74 -5.54 -16.80
C ASP D 195 16.16 -6.07 -15.49
N ILE D 196 15.61 -7.27 -15.52
CA ILE D 196 15.10 -7.90 -14.30
C ILE D 196 16.29 -8.27 -13.42
N ALA D 197 17.28 -8.91 -14.03
CA ALA D 197 18.47 -9.34 -13.32
C ALA D 197 19.14 -8.17 -12.61
N MET D 198 19.11 -7.00 -13.26
CA MET D 198 19.72 -5.80 -12.70
C MET D 198 19.13 -5.47 -11.34
N ALA D 199 17.84 -5.77 -11.17
CA ALA D 199 17.14 -5.45 -9.93
C ALA D 199 17.59 -6.36 -8.78
N TYR D 200 17.93 -7.60 -9.11
CA TYR D 200 18.43 -8.54 -8.11
C TYR D 200 19.81 -8.09 -7.63
N LEU D 201 20.67 -7.72 -8.58
CA LEU D 201 22.01 -7.23 -8.25
C LEU D 201 21.92 -6.04 -7.32
N PHE D 202 20.95 -5.17 -7.59
CA PHE D 202 20.74 -3.96 -6.78
C PHE D 202 20.31 -4.34 -5.37
N ALA D 203 19.45 -5.34 -5.27
CA ALA D 203 19.03 -5.85 -3.96
C ALA D 203 20.22 -6.44 -3.22
N ILE D 204 21.07 -7.16 -3.96
CA ILE D 204 22.25 -7.79 -3.39
C ILE D 204 23.30 -6.78 -2.96
N GLN D 205 23.39 -5.66 -3.68
CA GLN D 205 24.48 -4.71 -3.49
C GLN D 205 24.17 -3.57 -2.51
N ASN D 206 22.90 -3.24 -2.34
CA ASN D 206 22.51 -2.12 -1.48
C ASN D 206 22.34 -2.54 -0.02
N SER D 207 23.33 -2.18 0.79
CA SER D 207 23.38 -2.60 2.20
C SER D 207 22.39 -1.84 3.08
N TYR D 208 21.68 -0.87 2.51
CA TYR D 208 20.72 -0.10 3.28
C TYR D 208 19.27 -0.45 2.93
N MET D 209 19.10 -1.52 2.16
CA MET D 209 17.76 -1.93 1.72
C MET D 209 17.36 -3.26 2.35
N THR D 210 16.16 -3.29 2.92
CA THR D 210 15.64 -4.52 3.52
C THR D 210 14.14 -4.39 3.77
N GLY D 211 13.41 -5.46 3.50
CA GLY D 211 11.97 -5.46 3.69
C GLY D 211 11.22 -4.74 2.58
N THR D 212 11.89 -4.51 1.46
CA THR D 212 11.28 -3.77 0.36
C THR D 212 11.00 -4.66 -0.84
N VAL D 213 10.01 -4.27 -1.63
CA VAL D 213 9.66 -4.94 -2.87
C VAL D 213 9.97 -4.02 -4.05
N ILE D 214 10.81 -4.51 -4.97
CA ILE D 214 11.23 -3.68 -6.10
C ILE D 214 10.50 -4.06 -7.39
N ASP D 215 9.69 -3.14 -7.88
CA ASP D 215 8.92 -3.38 -9.09
C ASP D 215 9.74 -3.12 -10.35
N VAL D 216 9.77 -4.12 -11.23
CA VAL D 216 10.40 -3.97 -12.53
C VAL D 216 9.43 -4.52 -13.58
N ASP D 217 8.42 -3.74 -13.91
CA ASP D 217 7.30 -4.22 -14.71
C ASP D 217 7.02 -3.40 -15.96
N GLY D 218 7.97 -2.55 -16.35
CA GLY D 218 7.82 -1.74 -17.54
C GLY D 218 6.55 -0.91 -17.53
N GLY D 219 6.00 -0.68 -16.34
CA GLY D 219 4.83 0.19 -16.19
C GLY D 219 3.51 -0.53 -16.37
N ALA D 220 3.48 -1.82 -16.02
CA ALA D 220 2.25 -2.60 -16.13
C ALA D 220 1.28 -2.25 -15.02
N LEU D 221 1.81 -1.81 -13.89
CA LEU D 221 0.99 -1.46 -12.73
C LEU D 221 0.24 -0.16 -12.93
N LEU D 222 0.58 0.58 -13.99
CA LEU D 222 -0.01 1.89 -14.24
C LEU D 222 -1.36 1.76 -14.94
#